data_7RNW
#
_entry.id   7RNW
#
_cell.length_a   48.360
_cell.length_b   201.726
_cell.length_c   60.543
_cell.angle_alpha   90.000
_cell.angle_beta   113.490
_cell.angle_gamma   90.000
#
_symmetry.space_group_name_H-M   'P 1 21 1'
#
loop_
_entity.id
_entity.type
_entity.pdbx_description
1 polymer '3C-like proteinase'
2 polymer ACE-DTY-LEU-GLN-TYR-ALA-VAL-LEU-ARG-HIS-LYS-ARG-ARG-GLU-SEC
3 water water
#
loop_
_entity_poly.entity_id
_entity_poly.type
_entity_poly.pdbx_seq_one_letter_code
_entity_poly.pdbx_strand_id
1 'polypeptide(L)'
;SGFRKMAFPSGKVEGCMVQVTCGTTTLNGLWLDDVVYCPRHVICTSEDMLNPNYEDLLIRKSNHNFLVQAGNVQLRVIGH
SMQNCVLKLKVDTANPKTPKYKFVRIQPGQTFSVLACYNGSPSGVYQCAMRPNFTIKGSFLNGSCGSVGFNIDYDCVSFC
YMHHMELPTGVHAGTDLEGNFYGPFVDRQTAQAAGTDTTITVNVLAWLYAAVINGDRWFLNRFTTTLNDFNLVAMKYNYE
PLTQDHVDILGPLSAQTGIAVLDMCASLKELLQNGMNGRTILGSALLEDEFTPFDVVRQCSGVTFQ
;
A,B,C,D
2 'polypeptide(L)' (ACE)(DTY)LQYAVLRHKRRE(9OW) X,Y,Z,W
#
# COMPACT_ATOMS: atom_id res chain seq x y z
N SER A 1 -10.70 -22.11 10.20
CA SER A 1 -10.43 -23.13 9.12
C SER A 1 -9.13 -22.79 8.38
N GLY A 2 -8.87 -23.44 7.24
CA GLY A 2 -7.51 -23.58 6.66
C GLY A 2 -6.70 -24.73 7.28
N PHE A 3 -5.61 -25.14 6.61
CA PHE A 3 -4.64 -26.13 7.16
C PHE A 3 -3.28 -25.68 6.67
N ARG A 4 -2.20 -26.21 7.25
CA ARG A 4 -0.81 -25.78 6.97
C ARG A 4 0.14 -26.65 7.79
N LYS A 5 1.42 -26.63 7.44
CA LYS A 5 2.52 -27.34 8.14
C LYS A 5 2.79 -26.56 9.42
N MET A 6 2.18 -26.98 10.51
CA MET A 6 2.14 -26.20 11.77
C MET A 6 3.12 -26.86 12.74
N ALA A 7 4.30 -26.27 12.89
CA ALA A 7 5.36 -26.75 13.79
C ALA A 7 5.04 -26.31 15.21
N PHE A 8 5.60 -27.02 16.18
CA PHE A 8 5.47 -26.69 17.62
C PHE A 8 6.13 -25.35 17.90
N PRO A 9 5.72 -24.63 18.96
CA PRO A 9 6.45 -23.45 19.42
C PRO A 9 7.90 -23.73 19.86
N SER A 10 8.83 -23.03 19.24
CA SER A 10 10.29 -23.32 19.22
C SER A 10 10.96 -22.77 20.49
N GLY A 11 10.53 -21.57 20.91
CA GLY A 11 11.05 -20.87 22.09
C GLY A 11 11.45 -21.83 23.19
N LYS A 12 10.54 -22.70 23.60
CA LYS A 12 10.82 -23.60 24.76
C LYS A 12 12.16 -24.32 24.52
N VAL A 13 12.51 -24.60 23.28
CA VAL A 13 13.76 -25.31 22.91
C VAL A 13 14.88 -24.28 22.74
N GLU A 14 14.61 -23.18 22.02
CA GLU A 14 15.54 -22.02 21.86
C GLU A 14 16.38 -21.90 23.13
N GLY A 15 15.82 -22.28 24.26
CA GLY A 15 16.46 -22.19 25.58
C GLY A 15 17.54 -23.24 25.85
N CYS A 16 17.59 -24.33 25.06
CA CYS A 16 18.48 -25.50 25.32
C CYS A 16 19.41 -25.71 24.11
N MET A 17 19.65 -24.62 23.39
CA MET A 17 20.59 -24.66 22.26
C MET A 17 21.86 -23.90 22.65
N VAL A 18 22.99 -24.55 22.42
CA VAL A 18 24.34 -24.04 22.75
C VAL A 18 25.22 -24.30 21.54
N GLN A 19 26.44 -23.78 21.57
CA GLN A 19 27.51 -24.06 20.57
C GLN A 19 28.65 -24.86 21.21
N VAL A 20 28.93 -26.06 20.65
CA VAL A 20 30.13 -26.86 21.03
C VAL A 20 31.21 -26.79 19.95
N THR A 21 32.45 -26.56 20.40
CA THR A 21 33.66 -26.44 19.57
C THR A 21 34.75 -27.36 20.15
N CYS A 22 35.16 -28.35 19.36
CA CYS A 22 36.21 -29.32 19.69
C CYS A 22 37.36 -29.14 18.68
N GLY A 23 38.50 -28.63 19.14
CA GLY A 23 39.47 -27.96 18.25
C GLY A 23 38.80 -26.78 17.57
N THR A 24 38.82 -26.73 16.23
CA THR A 24 38.23 -25.62 15.44
C THR A 24 36.92 -26.09 14.84
N THR A 25 36.49 -27.31 15.18
CA THR A 25 35.24 -27.96 14.69
C THR A 25 34.11 -27.51 15.62
N THR A 26 33.04 -26.90 15.08
CA THR A 26 31.90 -26.32 15.83
C THR A 26 30.57 -26.76 15.24
N LEU A 27 29.67 -27.20 16.11
CA LEU A 27 28.30 -27.64 15.76
C LEU A 27 27.43 -27.34 16.98
N ASN A 28 26.12 -27.60 16.90
CA ASN A 28 25.18 -27.26 18.00
C ASN A 28 25.09 -28.46 18.94
N GLY A 29 24.46 -28.24 20.06
CA GLY A 29 24.25 -29.26 21.08
C GLY A 29 23.06 -28.82 21.88
N LEU A 30 22.36 -29.78 22.49
CA LEU A 30 21.18 -29.57 23.35
C LEU A 30 21.63 -29.63 24.80
N TRP A 31 21.32 -28.60 25.60
CA TRP A 31 21.79 -28.48 27.00
C TRP A 31 20.59 -28.60 27.95
N LEU A 32 20.49 -29.75 28.58
CA LEU A 32 19.43 -30.06 29.58
C LEU A 32 20.10 -30.26 30.94
N ASP A 33 19.78 -29.38 31.89
CA ASP A 33 20.24 -29.46 33.30
C ASP A 33 21.75 -29.22 33.36
N ASP A 34 22.52 -30.19 33.82
CA ASP A 34 23.99 -30.07 33.93
C ASP A 34 24.66 -30.91 32.84
N VAL A 35 24.03 -31.06 31.67
CA VAL A 35 24.58 -31.99 30.64
C VAL A 35 24.19 -31.47 29.26
N VAL A 36 25.13 -31.56 28.33
CA VAL A 36 25.05 -31.05 26.93
C VAL A 36 25.27 -32.27 26.05
N TYR A 37 24.39 -32.48 25.09
CA TYR A 37 24.44 -33.58 24.12
C TYR A 37 24.68 -32.98 22.74
N CYS A 38 25.65 -33.56 22.02
CA CYS A 38 26.04 -33.13 20.67
C CYS A 38 26.59 -34.33 19.89
N PRO A 39 26.68 -34.24 18.55
CA PRO A 39 27.18 -35.35 17.75
C PRO A 39 28.67 -35.60 18.07
N ARG A 40 29.08 -36.86 17.96
CA ARG A 40 30.42 -37.30 18.40
C ARG A 40 31.49 -36.88 17.38
N HIS A 41 31.11 -36.28 16.25
CA HIS A 41 32.07 -35.95 15.17
C HIS A 41 32.55 -34.48 15.27
N VAL A 42 32.54 -33.86 16.45
CA VAL A 42 33.11 -32.51 16.63
C VAL A 42 34.61 -32.66 16.88
N ILE A 43 35.01 -33.82 17.40
CA ILE A 43 36.39 -34.06 17.90
C ILE A 43 37.30 -34.09 16.68
N CYS A 44 36.76 -34.62 15.58
CA CYS A 44 37.47 -34.93 14.33
C CYS A 44 38.06 -33.68 13.67
N THR A 45 38.91 -33.91 12.68
CA THR A 45 39.21 -32.98 11.58
C THR A 45 38.60 -33.56 10.29
N SER A 46 38.56 -32.77 9.22
CA SER A 46 38.26 -33.27 7.85
C SER A 46 39.04 -34.58 7.64
N GLU A 47 40.33 -34.53 7.92
CA GLU A 47 41.29 -35.67 7.82
C GLU A 47 40.84 -36.85 8.69
N ASP A 48 40.23 -36.65 9.85
CA ASP A 48 39.81 -37.78 10.72
C ASP A 48 38.44 -38.32 10.30
N MET A 49 37.62 -37.50 9.66
CA MET A 49 36.17 -37.76 9.51
C MET A 49 35.88 -38.79 8.41
N LEU A 50 36.89 -39.16 7.63
CA LEU A 50 36.87 -40.39 6.81
C LEU A 50 37.33 -41.55 7.68
N ASN A 51 36.47 -42.55 7.81
CA ASN A 51 36.62 -43.69 8.77
C ASN A 51 37.36 -43.23 10.04
N PRO A 52 36.63 -42.56 10.96
CA PRO A 52 37.10 -42.35 12.31
C PRO A 52 36.56 -43.45 13.23
N ASN A 53 37.44 -44.01 14.06
CA ASN A 53 37.09 -44.88 15.21
C ASN A 53 37.26 -44.01 16.45
N TYR A 54 36.15 -43.47 16.95
CA TYR A 54 36.07 -42.36 17.92
C TYR A 54 36.48 -42.80 19.33
N GLU A 55 36.31 -44.09 19.64
CA GLU A 55 36.68 -44.77 20.92
C GLU A 55 38.03 -44.26 21.44
N ASP A 56 39.05 -44.34 20.59
CA ASP A 56 40.45 -43.97 20.96
C ASP A 56 40.53 -42.45 21.13
N LEU A 57 39.85 -41.70 20.26
CA LEU A 57 40.04 -40.23 20.12
C LEU A 57 39.53 -39.52 21.37
N LEU A 58 38.47 -40.04 22.01
CA LEU A 58 37.97 -39.45 23.28
C LEU A 58 38.84 -39.92 24.45
N ILE A 59 39.43 -41.11 24.39
CA ILE A 59 40.45 -41.54 25.41
C ILE A 59 41.72 -40.69 25.21
N ARG A 60 41.90 -40.12 24.01
CA ARG A 60 42.67 -38.86 23.88
C ARG A 60 41.82 -37.76 24.55
N LYS A 61 41.91 -37.69 25.88
CA LYS A 61 40.98 -37.01 26.82
C LYS A 61 40.97 -35.49 26.60
N SER A 62 41.39 -34.68 27.58
CA SER A 62 41.34 -33.19 27.53
C SER A 62 39.89 -32.70 27.54
N ASN A 63 39.27 -32.66 28.72
CA ASN A 63 38.01 -31.94 29.00
C ASN A 63 38.10 -30.47 28.52
N HIS A 64 39.31 -29.90 28.53
CA HIS A 64 39.57 -28.45 28.29
C HIS A 64 39.53 -28.11 26.79
N ASN A 65 39.54 -29.13 25.92
CA ASN A 65 39.41 -28.86 24.47
C ASN A 65 37.93 -28.59 24.12
N PHE A 66 37.00 -28.94 25.01
CA PHE A 66 35.54 -28.85 24.78
C PHE A 66 35.05 -27.47 25.19
N LEU A 67 34.87 -26.60 24.20
CA LEU A 67 34.37 -25.23 24.43
C LEU A 67 32.87 -25.25 24.14
N VAL A 68 32.13 -24.72 25.10
CA VAL A 68 30.67 -24.49 25.02
C VAL A 68 30.48 -23.03 25.41
N GLN A 69 29.77 -22.30 24.58
CA GLN A 69 29.28 -20.94 24.90
C GLN A 69 27.77 -20.96 24.72
N ALA A 70 27.02 -20.75 25.80
CA ALA A 70 25.55 -20.63 25.80
C ALA A 70 25.17 -19.16 25.86
N GLY A 71 25.15 -18.47 24.72
CA GLY A 71 25.02 -17.00 24.67
C GLY A 71 26.13 -16.31 25.46
N ASN A 72 25.79 -15.53 26.49
CA ASN A 72 26.74 -14.74 27.30
C ASN A 72 27.67 -15.71 28.06
N VAL A 73 27.10 -16.78 28.59
CA VAL A 73 27.77 -17.71 29.54
C VAL A 73 28.76 -18.61 28.78
N GLN A 74 30.01 -18.65 29.24
CA GLN A 74 31.05 -19.58 28.73
C GLN A 74 31.01 -20.86 29.56
N LEU A 75 30.35 -21.90 29.08
CA LEU A 75 30.12 -23.13 29.90
C LEU A 75 31.45 -23.87 30.05
N ARG A 76 31.86 -24.10 31.30
CA ARG A 76 32.96 -25.04 31.63
C ARG A 76 32.42 -26.46 31.55
N VAL A 77 33.16 -27.32 30.87
CA VAL A 77 32.90 -28.78 30.80
C VAL A 77 33.74 -29.48 31.88
N ILE A 78 33.07 -30.31 32.67
CA ILE A 78 33.61 -31.01 33.87
C ILE A 78 33.48 -32.51 33.65
N GLY A 79 33.23 -32.97 32.43
CA GLY A 79 33.19 -34.41 32.08
C GLY A 79 33.07 -34.65 30.58
N HIS A 80 33.45 -35.84 30.14
CA HIS A 80 33.52 -36.19 28.70
C HIS A 80 33.29 -37.70 28.54
N SER A 81 32.04 -38.07 28.22
CA SER A 81 31.54 -39.47 28.17
C SER A 81 30.69 -39.65 26.90
N MET A 82 30.85 -40.77 26.19
CA MET A 82 30.29 -40.98 24.82
C MET A 82 29.22 -42.07 24.85
N GLN A 83 27.98 -41.75 24.48
CA GLN A 83 26.91 -42.77 24.41
C GLN A 83 26.51 -43.03 22.96
N ASN A 84 27.09 -44.08 22.35
CA ASN A 84 26.97 -44.38 20.91
C ASN A 84 27.43 -43.16 20.10
N CYS A 85 26.53 -42.55 19.31
CA CYS A 85 26.84 -41.50 18.32
C CYS A 85 26.43 -40.12 18.88
N VAL A 86 26.31 -40.00 20.19
CA VAL A 86 26.20 -38.69 20.89
C VAL A 86 27.28 -38.63 21.97
N LEU A 87 27.89 -37.45 22.11
CA LEU A 87 28.77 -37.08 23.24
C LEU A 87 27.91 -36.37 24.29
N LYS A 88 28.03 -36.76 25.56
CA LYS A 88 27.29 -36.13 26.69
C LYS A 88 28.32 -35.48 27.60
N LEU A 89 28.32 -34.16 27.62
CA LEU A 89 29.36 -33.36 28.29
C LEU A 89 28.76 -32.86 29.59
N LYS A 90 29.43 -33.14 30.71
CA LYS A 90 29.09 -32.57 32.03
C LYS A 90 29.44 -31.08 31.99
N VAL A 91 28.57 -30.21 32.46
CA VAL A 91 28.86 -28.74 32.51
C VAL A 91 28.59 -28.22 33.92
N ASP A 92 29.12 -27.03 34.23
CA ASP A 92 29.28 -26.46 35.60
C ASP A 92 27.96 -25.88 36.08
N THR A 93 27.12 -25.42 35.15
CA THR A 93 25.79 -24.82 35.45
C THR A 93 24.70 -25.72 34.85
N ALA A 94 23.59 -25.82 35.58
CA ALA A 94 22.35 -26.52 35.17
C ALA A 94 21.45 -25.48 34.46
N ASN A 95 21.07 -25.75 33.21
CA ASN A 95 20.33 -24.79 32.36
C ASN A 95 19.15 -24.34 33.19
N PRO A 96 19.08 -23.06 33.63
CA PRO A 96 18.01 -22.61 34.50
C PRO A 96 16.67 -22.66 33.77
N LYS A 97 16.70 -22.57 32.43
CA LYS A 97 15.46 -22.56 31.60
C LYS A 97 15.20 -23.97 31.03
N THR A 98 15.36 -25.00 31.87
CA THR A 98 15.21 -26.42 31.45
C THR A 98 13.75 -26.81 31.64
N PRO A 99 13.01 -27.22 30.60
CA PRO A 99 11.62 -27.64 30.75
C PRO A 99 11.60 -29.11 31.16
N LYS A 100 10.41 -29.67 31.39
CA LYS A 100 10.18 -31.14 31.42
C LYS A 100 10.58 -31.69 30.05
N TYR A 101 11.38 -32.77 30.01
CA TYR A 101 11.89 -33.38 28.75
C TYR A 101 12.04 -34.89 28.86
N LYS A 102 11.58 -35.60 27.82
CA LYS A 102 11.72 -37.07 27.64
C LYS A 102 12.55 -37.35 26.39
N PHE A 103 13.15 -38.55 26.29
CA PHE A 103 13.69 -39.03 25.01
C PHE A 103 12.90 -40.27 24.57
N VAL A 104 12.41 -40.23 23.31
CA VAL A 104 11.62 -41.30 22.65
C VAL A 104 12.18 -41.62 21.25
N ARG A 105 12.12 -42.89 20.86
CA ARG A 105 12.41 -43.37 19.49
C ARG A 105 11.12 -43.40 18.68
N ILE A 106 11.05 -42.62 17.59
CA ILE A 106 9.80 -42.57 16.77
C ILE A 106 9.79 -43.72 15.77
N GLN A 107 8.58 -44.24 15.48
CA GLN A 107 8.29 -45.16 14.35
C GLN A 107 8.10 -44.34 13.09
N PRO A 108 8.50 -44.89 11.92
CA PRO A 108 8.35 -44.20 10.64
C PRO A 108 6.95 -43.60 10.44
N GLY A 109 6.89 -42.38 9.90
CA GLY A 109 5.60 -41.74 9.58
C GLY A 109 5.23 -40.70 10.63
N GLN A 110 5.60 -40.95 11.88
CA GLN A 110 5.42 -40.00 13.02
C GLN A 110 6.11 -38.67 12.70
N THR A 111 5.59 -37.56 13.23
CA THR A 111 6.06 -36.19 12.86
C THR A 111 6.79 -35.52 14.03
N PHE A 112 7.65 -34.56 13.70
CA PHE A 112 8.31 -33.69 14.69
C PHE A 112 8.60 -32.34 14.06
N SER A 113 8.82 -31.34 14.90
CA SER A 113 9.31 -30.03 14.46
C SER A 113 10.82 -30.04 14.66
N VAL A 114 11.49 -29.26 13.82
CA VAL A 114 12.96 -29.11 13.80
C VAL A 114 13.26 -27.63 14.01
N LEU A 115 14.16 -27.34 14.97
CA LEU A 115 14.78 -26.01 15.14
C LEU A 115 16.13 -26.00 14.44
N ALA A 116 16.17 -25.36 13.28
CA ALA A 116 17.39 -25.24 12.50
C ALA A 116 18.27 -24.31 13.30
N CYS A 117 19.46 -24.78 13.67
CA CYS A 117 20.38 -24.04 14.56
C CYS A 117 21.76 -24.01 13.92
N TYR A 118 22.45 -22.87 14.03
CA TYR A 118 23.81 -22.63 13.49
C TYR A 118 24.54 -21.78 14.51
N ASN A 119 25.60 -22.36 15.08
CA ASN A 119 26.48 -21.70 16.08
C ASN A 119 25.67 -21.37 17.33
N GLY A 120 24.90 -22.36 17.79
CA GLY A 120 23.99 -22.26 18.93
C GLY A 120 22.88 -21.25 18.73
N SER A 121 22.75 -20.62 17.57
CA SER A 121 21.59 -19.75 17.23
C SER A 121 20.75 -20.35 16.12
N PRO A 122 19.41 -20.16 16.12
CA PRO A 122 18.50 -20.88 15.23
C PRO A 122 18.09 -19.96 14.09
N SER A 123 17.90 -20.46 12.88
CA SER A 123 17.50 -19.56 11.77
C SER A 123 15.99 -19.67 11.54
N GLY A 124 15.45 -20.87 11.72
CA GLY A 124 14.01 -21.10 11.56
C GLY A 124 13.61 -22.45 12.11
N VAL A 125 12.32 -22.73 12.00
CA VAL A 125 11.62 -23.92 12.55
C VAL A 125 10.71 -24.45 11.44
N TYR A 126 10.71 -25.76 11.26
CA TYR A 126 9.80 -26.44 10.29
C TYR A 126 9.36 -27.79 10.87
N GLN A 127 8.36 -28.41 10.27
CA GLN A 127 7.93 -29.77 10.68
C GLN A 127 8.41 -30.77 9.64
N CYS A 128 9.00 -31.89 10.10
CA CYS A 128 9.42 -33.09 9.29
C CYS A 128 8.59 -34.33 9.61
N ALA A 129 8.69 -35.37 8.78
CA ALA A 129 8.17 -36.73 9.02
C ALA A 129 9.33 -37.74 8.92
N MET A 130 9.25 -38.85 9.67
CA MET A 130 10.25 -39.95 9.63
C MET A 130 9.92 -40.88 8.46
N ARG A 131 10.70 -40.77 7.40
CA ARG A 131 10.40 -41.52 6.18
C ARG A 131 10.52 -43.02 6.46
N PRO A 132 9.62 -43.86 5.88
CA PRO A 132 9.62 -45.30 6.14
C PRO A 132 10.97 -45.99 5.99
N ASN A 133 11.84 -45.41 5.16
CA ASN A 133 13.26 -45.80 4.94
C ASN A 133 14.19 -45.04 5.88
N PHE A 134 13.66 -44.48 6.98
CA PHE A 134 14.41 -43.89 8.11
C PHE A 134 15.29 -42.71 7.65
N THR A 135 14.71 -41.87 6.81
CA THR A 135 15.35 -40.63 6.34
C THR A 135 14.42 -39.49 6.68
N ILE A 136 14.95 -38.28 6.83
CA ILE A 136 14.06 -37.10 6.92
C ILE A 136 14.48 -36.18 5.78
N LYS A 137 13.49 -35.59 5.12
CA LYS A 137 13.72 -34.61 4.05
C LYS A 137 13.48 -33.27 4.71
N GLY A 138 14.52 -32.70 5.29
CA GLY A 138 14.46 -31.37 5.89
C GLY A 138 15.39 -30.41 5.19
N SER A 139 15.79 -29.37 5.92
CA SER A 139 16.49 -28.17 5.42
C SER A 139 17.67 -28.00 6.35
N PHE A 140 18.86 -28.40 5.91
CA PHE A 140 20.05 -28.43 6.77
C PHE A 140 21.28 -28.08 5.94
N LEU A 141 22.03 -27.08 6.37
CA LEU A 141 23.31 -26.68 5.77
C LEU A 141 24.43 -27.09 6.74
N ASN A 142 25.70 -26.94 6.36
CA ASN A 142 26.84 -27.33 7.23
C ASN A 142 26.70 -26.50 8.52
N GLY A 143 27.05 -27.06 9.67
CA GLY A 143 26.82 -26.42 11.00
C GLY A 143 25.42 -26.69 11.56
N SER A 144 24.59 -27.48 10.86
CA SER A 144 23.23 -27.80 11.36
C SER A 144 23.32 -28.97 12.33
N CYS A 145 24.42 -29.74 12.31
CA CYS A 145 24.57 -30.94 13.17
C CYS A 145 24.37 -30.53 14.63
N GLY A 146 23.46 -31.20 15.34
CA GLY A 146 23.15 -30.93 16.75
C GLY A 146 21.82 -30.22 16.89
N SER A 147 21.34 -29.56 15.82
CA SER A 147 19.90 -29.22 15.63
C SER A 147 19.05 -30.43 16.06
N VAL A 148 17.87 -30.18 16.65
CA VAL A 148 17.06 -31.22 17.33
C VAL A 148 15.64 -31.21 16.81
N GLY A 149 15.00 -32.37 16.94
CA GLY A 149 13.62 -32.58 16.50
C GLY A 149 12.76 -32.97 17.66
N PHE A 150 11.60 -32.38 17.78
CA PHE A 150 10.86 -32.50 19.05
C PHE A 150 9.36 -32.45 18.79
N ASN A 151 8.64 -33.02 19.75
CA ASN A 151 7.17 -32.94 19.86
C ASN A 151 6.88 -32.38 21.25
N ILE A 152 5.86 -31.53 21.39
CA ILE A 152 5.35 -31.05 22.71
C ILE A 152 4.03 -31.73 23.05
N ASP A 153 4.06 -32.75 23.90
CA ASP A 153 2.81 -33.26 24.50
C ASP A 153 2.66 -32.51 25.82
N TYR A 154 1.80 -31.50 25.83
CA TYR A 154 1.27 -30.80 27.04
C TYR A 154 2.44 -30.13 27.80
N ASP A 155 2.90 -30.73 28.91
CA ASP A 155 4.03 -30.19 29.71
C ASP A 155 5.32 -30.66 29.03
N CYS A 156 5.42 -31.98 28.85
CA CYS A 156 6.66 -32.67 28.40
C CYS A 156 7.01 -32.38 26.94
N VAL A 157 8.29 -32.10 26.69
CA VAL A 157 8.93 -32.05 25.35
C VAL A 157 9.57 -33.43 25.12
N SER A 158 9.15 -34.13 24.07
CA SER A 158 9.82 -35.34 23.50
C SER A 158 10.88 -34.94 22.45
N PHE A 159 12.18 -35.21 22.70
CA PHE A 159 13.29 -35.03 21.71
C PHE A 159 13.52 -36.32 20.93
N CYS A 160 13.20 -36.33 19.66
CA CYS A 160 13.13 -37.58 18.87
C CYS A 160 14.29 -37.73 17.90
N TYR A 161 14.90 -36.63 17.47
CA TYR A 161 15.85 -36.58 16.34
C TYR A 161 17.01 -35.62 16.64
N MET A 162 18.24 -36.07 16.35
CA MET A 162 19.45 -35.21 16.39
C MET A 162 20.18 -35.34 15.05
N HIS A 163 20.34 -34.22 14.34
CA HIS A 163 20.80 -34.17 12.94
C HIS A 163 22.28 -34.45 12.86
N HIS A 164 22.68 -35.25 11.87
CA HIS A 164 24.08 -35.71 11.66
C HIS A 164 24.51 -35.49 10.22
N MET A 165 23.72 -35.82 9.21
CA MET A 165 24.29 -35.78 7.83
C MET A 165 23.28 -35.51 6.73
N GLU A 166 23.69 -34.78 5.69
CA GLU A 166 22.98 -34.80 4.39
C GLU A 166 23.60 -35.86 3.45
N LEU A 167 22.77 -36.75 2.92
CA LEU A 167 23.17 -37.88 2.06
C LEU A 167 23.20 -37.43 0.61
N PRO A 168 23.80 -38.24 -0.31
CA PRO A 168 23.96 -37.89 -1.72
C PRO A 168 22.65 -37.62 -2.47
N THR A 169 21.57 -38.27 -2.06
CA THR A 169 20.21 -38.07 -2.62
C THR A 169 19.64 -36.72 -2.13
N GLY A 170 20.24 -36.11 -1.09
CA GLY A 170 19.95 -34.73 -0.66
C GLY A 170 19.11 -34.71 0.60
N VAL A 171 18.61 -35.87 1.02
CA VAL A 171 17.78 -35.93 2.25
C VAL A 171 18.74 -36.06 3.43
N HIS A 172 18.23 -36.39 4.63
CA HIS A 172 19.00 -36.22 5.88
C HIS A 172 18.98 -37.51 6.69
N ALA A 173 19.94 -37.65 7.59
CA ALA A 173 20.03 -38.84 8.47
C ALA A 173 20.62 -38.42 9.80
N GLY A 174 20.03 -38.92 10.88
CA GLY A 174 20.41 -38.60 12.26
C GLY A 174 19.91 -39.66 13.23
N THR A 175 19.82 -39.29 14.51
CA THR A 175 19.76 -40.23 15.64
C THR A 175 18.71 -39.76 16.64
N ASP A 176 18.30 -40.65 17.54
CA ASP A 176 17.67 -40.28 18.83
C ASP A 176 18.79 -39.71 19.70
N LEU A 177 18.49 -39.12 20.84
CA LEU A 177 19.54 -38.48 21.67
C LEU A 177 20.36 -39.54 22.43
N GLU A 178 20.16 -40.83 22.14
CA GLU A 178 20.98 -41.95 22.66
C GLU A 178 22.13 -42.22 21.69
N GLY A 179 22.14 -41.48 20.58
CA GLY A 179 23.11 -41.64 19.46
C GLY A 179 22.83 -42.90 18.68
N ASN A 180 21.59 -43.41 18.76
CA ASN A 180 21.15 -44.59 17.99
C ASN A 180 20.54 -44.05 16.70
N PHE A 181 21.33 -44.13 15.63
CA PHE A 181 20.95 -43.76 14.26
C PHE A 181 19.65 -44.48 13.87
N TYR A 182 18.75 -43.73 13.25
CA TYR A 182 17.67 -44.29 12.42
C TYR A 182 18.26 -44.69 11.06
N GLY A 183 17.89 -45.87 10.57
CA GLY A 183 18.34 -46.37 9.26
C GLY A 183 19.67 -47.13 9.38
N PRO A 184 20.39 -47.32 8.26
CA PRO A 184 21.62 -48.10 8.21
C PRO A 184 22.85 -47.20 8.14
N PHE A 185 22.73 -45.98 8.66
CA PHE A 185 23.77 -44.94 8.44
C PHE A 185 24.81 -45.03 9.57
N VAL A 186 25.98 -44.49 9.31
CA VAL A 186 27.05 -44.29 10.32
C VAL A 186 27.55 -42.84 10.25
N ASP A 187 28.14 -42.44 11.38
CA ASP A 187 29.10 -41.32 11.59
C ASP A 187 30.38 -41.60 10.82
N ARG A 188 30.35 -41.42 9.50
CA ARG A 188 31.54 -41.45 8.60
C ARG A 188 31.28 -40.52 7.42
N GLN A 189 32.32 -39.95 6.80
CA GLN A 189 32.11 -38.98 5.70
C GLN A 189 32.10 -39.74 4.36
N THR A 190 31.10 -40.60 4.20
CA THR A 190 30.93 -41.48 3.03
C THR A 190 29.46 -41.43 2.60
N ALA A 191 29.26 -41.31 1.29
CA ALA A 191 27.97 -41.54 0.60
C ALA A 191 27.32 -42.79 1.21
N GLN A 192 26.03 -42.68 1.54
CA GLN A 192 25.26 -43.84 2.05
C GLN A 192 23.91 -43.87 1.28
N ALA A 193 23.32 -45.06 1.22
CA ALA A 193 22.07 -45.34 0.48
C ALA A 193 20.95 -45.69 1.47
N ALA A 194 19.86 -44.92 1.45
CA ALA A 194 18.78 -45.00 2.45
C ALA A 194 18.11 -46.38 2.39
N GLY A 195 17.90 -46.90 1.19
CA GLY A 195 17.03 -48.06 0.91
C GLY A 195 16.03 -47.72 -0.17
N THR A 196 14.73 -47.93 0.09
CA THR A 196 13.64 -47.52 -0.82
C THR A 196 12.51 -46.95 0.04
N ASP A 197 12.04 -45.77 -0.29
CA ASP A 197 11.06 -45.04 0.55
C ASP A 197 9.68 -45.26 -0.05
N THR A 198 8.64 -45.16 0.79
CA THR A 198 7.25 -45.58 0.52
C THR A 198 6.28 -44.53 1.08
N THR A 199 5.19 -44.23 0.38
CA THR A 199 4.19 -43.22 0.81
C THR A 199 3.42 -43.78 2.02
N ILE A 200 3.13 -42.94 3.01
CA ILE A 200 2.60 -43.40 4.33
C ILE A 200 1.08 -43.30 4.29
N THR A 201 0.39 -44.42 4.17
CA THR A 201 -1.05 -44.45 3.80
C THR A 201 -1.90 -43.80 4.91
N VAL A 202 -1.61 -44.06 6.20
CA VAL A 202 -2.38 -43.52 7.35
C VAL A 202 -2.34 -42.00 7.32
N ASN A 203 -1.18 -41.43 7.01
CA ASN A 203 -1.01 -39.96 6.94
C ASN A 203 -1.79 -39.38 5.77
N VAL A 204 -1.93 -40.08 4.65
CA VAL A 204 -2.67 -39.59 3.45
C VAL A 204 -4.14 -39.56 3.83
N LEU A 205 -4.59 -40.64 4.46
CA LEU A 205 -5.97 -40.76 4.96
C LEU A 205 -6.20 -39.65 5.98
N ALA A 206 -5.18 -39.27 6.73
CA ALA A 206 -5.29 -38.16 7.70
C ALA A 206 -5.57 -36.86 6.92
N TRP A 207 -4.69 -36.54 6.00
CA TRP A 207 -4.76 -35.35 5.12
C TRP A 207 -6.09 -35.30 4.35
N LEU A 208 -6.67 -36.44 3.95
CA LEU A 208 -7.96 -36.44 3.20
C LEU A 208 -9.10 -36.06 4.14
N TYR A 209 -9.10 -36.57 5.37
CA TYR A 209 -10.03 -36.11 6.44
C TYR A 209 -9.81 -34.62 6.68
N ALA A 210 -8.56 -34.15 6.64
CA ALA A 210 -8.20 -32.72 6.72
C ALA A 210 -8.95 -31.90 5.65
N ALA A 211 -8.97 -32.38 4.41
CA ALA A 211 -9.62 -31.62 3.31
C ALA A 211 -11.10 -31.54 3.61
N VAL A 212 -11.65 -32.64 4.10
CA VAL A 212 -13.13 -32.76 4.30
C VAL A 212 -13.45 -31.67 5.31
N ILE A 213 -12.68 -31.59 6.40
CA ILE A 213 -13.02 -30.68 7.52
C ILE A 213 -13.08 -29.24 7.01
N ASN A 214 -12.39 -28.95 5.91
CA ASN A 214 -12.39 -27.63 5.24
C ASN A 214 -13.14 -27.71 3.92
N GLY A 215 -14.19 -28.53 3.88
CA GLY A 215 -15.33 -28.40 2.96
C GLY A 215 -14.95 -28.66 1.51
N ASP A 216 -14.03 -29.63 1.31
CA ASP A 216 -13.67 -30.21 -0.02
C ASP A 216 -14.38 -31.57 -0.11
N ARG A 217 -15.23 -31.76 -1.11
CA ARG A 217 -16.01 -33.02 -1.20
C ARG A 217 -15.77 -33.75 -2.53
N TRP A 218 -15.00 -33.18 -3.46
CA TRP A 218 -15.04 -33.65 -4.87
C TRP A 218 -14.56 -35.10 -4.98
N PHE A 219 -13.74 -35.57 -4.04
CA PHE A 219 -13.03 -36.86 -4.09
C PHE A 219 -13.92 -37.96 -3.51
N LEU A 220 -14.98 -37.59 -2.81
CA LEU A 220 -15.79 -38.59 -2.08
C LEU A 220 -16.75 -39.28 -3.06
N ASN A 221 -17.02 -40.55 -2.76
CA ASN A 221 -17.76 -41.50 -3.64
C ASN A 221 -18.60 -42.42 -2.76
N ARG A 222 -19.61 -43.06 -3.32
CA ARG A 222 -20.53 -43.88 -2.48
C ARG A 222 -20.06 -45.33 -2.47
N PHE A 223 -18.75 -45.54 -2.48
CA PHE A 223 -18.15 -46.88 -2.57
C PHE A 223 -17.43 -47.19 -1.26
N THR A 224 -17.15 -48.46 -1.04
CA THR A 224 -16.35 -48.95 0.10
C THR A 224 -15.51 -50.11 -0.40
N THR A 225 -14.73 -50.70 0.51
CA THR A 225 -13.91 -51.91 0.28
C THR A 225 -13.89 -52.75 1.56
N THR A 226 -12.96 -53.69 1.60
CA THR A 226 -12.42 -54.25 2.85
C THR A 226 -11.04 -53.65 3.06
N LEU A 227 -10.46 -53.83 4.24
CA LEU A 227 -9.02 -53.57 4.47
C LEU A 227 -8.22 -54.46 3.51
N ASN A 228 -8.68 -55.71 3.29
CA ASN A 228 -7.96 -56.65 2.40
C ASN A 228 -7.88 -56.01 1.03
N ASP A 229 -9.04 -55.68 0.47
CA ASP A 229 -9.13 -55.13 -0.90
C ASP A 229 -8.26 -53.88 -1.00
N PHE A 230 -8.27 -53.01 0.00
CA PHE A 230 -7.45 -51.76 0.01
C PHE A 230 -5.97 -52.13 -0.01
N ASN A 231 -5.61 -53.16 0.77
CA ASN A 231 -4.21 -53.47 1.14
C ASN A 231 -3.47 -54.05 -0.06
N LEU A 232 -4.17 -54.63 -1.03
CA LEU A 232 -3.52 -54.99 -2.32
C LEU A 232 -3.21 -53.72 -3.11
N VAL A 233 -4.15 -52.79 -3.19
CA VAL A 233 -3.99 -51.59 -4.06
C VAL A 233 -2.95 -50.67 -3.40
N ALA A 234 -2.75 -50.82 -2.09
CA ALA A 234 -1.62 -50.15 -1.39
C ALA A 234 -0.30 -50.76 -1.88
N MET A 235 -0.14 -52.09 -1.73
CA MET A 235 1.14 -52.80 -2.08
C MET A 235 1.59 -52.41 -3.49
N LYS A 236 0.62 -52.35 -4.40
CA LYS A 236 0.78 -52.06 -5.83
C LYS A 236 1.43 -50.69 -5.98
N TYR A 237 1.00 -49.68 -5.22
CA TYR A 237 1.42 -48.27 -5.48
C TYR A 237 2.58 -47.86 -4.58
N ASN A 238 3.27 -48.82 -3.94
CA ASN A 238 4.35 -48.57 -2.97
C ASN A 238 3.82 -47.67 -1.87
N TYR A 239 2.55 -47.88 -1.51
CA TYR A 239 1.85 -47.30 -0.34
C TYR A 239 1.94 -48.29 0.82
N GLU A 240 2.16 -47.81 2.04
CA GLU A 240 2.48 -48.70 3.19
C GLU A 240 1.25 -49.62 3.37
N PRO A 241 1.32 -50.72 4.15
CA PRO A 241 0.09 -51.43 4.48
C PRO A 241 -0.73 -50.54 5.43
N LEU A 242 -2.05 -50.73 5.48
CA LEU A 242 -2.95 -50.14 6.52
C LEU A 242 -3.45 -51.30 7.35
N THR A 243 -3.33 -51.18 8.65
CA THR A 243 -3.71 -52.29 9.53
C THR A 243 -4.90 -51.84 10.37
N GLN A 244 -5.31 -52.68 11.32
CA GLN A 244 -6.31 -52.31 12.36
C GLN A 244 -5.74 -51.25 13.32
N ASP A 245 -4.45 -51.28 13.63
CA ASP A 245 -3.79 -50.28 14.51
C ASP A 245 -3.84 -48.91 13.81
N HIS A 246 -3.49 -48.87 12.53
CA HIS A 246 -3.67 -47.73 11.60
C HIS A 246 -5.14 -47.30 11.47
N VAL A 247 -6.09 -48.25 11.47
CA VAL A 247 -7.55 -47.97 11.30
C VAL A 247 -8.06 -47.33 12.60
N ASP A 248 -7.56 -47.79 13.74
CA ASP A 248 -7.95 -47.28 15.08
C ASP A 248 -7.48 -45.82 15.25
N ILE A 249 -6.27 -45.49 14.80
CA ILE A 249 -5.64 -44.13 14.97
C ILE A 249 -6.45 -43.06 14.21
N LEU A 250 -7.24 -43.43 13.19
CA LEU A 250 -8.04 -42.49 12.35
C LEU A 250 -9.46 -42.31 12.92
N GLY A 251 -9.89 -43.15 13.86
CA GLY A 251 -11.27 -43.07 14.39
C GLY A 251 -11.71 -41.65 14.79
N PRO A 252 -10.89 -40.85 15.52
CA PRO A 252 -11.31 -39.51 15.93
C PRO A 252 -11.79 -38.75 14.67
N LEU A 253 -11.01 -38.88 13.59
CA LEU A 253 -11.21 -38.14 12.33
C LEU A 253 -12.46 -38.66 11.63
N SER A 254 -12.71 -39.96 11.74
CA SER A 254 -13.94 -40.61 11.23
C SER A 254 -15.14 -40.00 11.95
N ALA A 255 -15.07 -40.01 13.29
CA ALA A 255 -16.13 -39.54 14.20
C ALA A 255 -16.49 -38.09 13.84
N GLN A 256 -15.49 -37.24 13.71
CA GLN A 256 -15.67 -35.78 13.52
C GLN A 256 -16.10 -35.47 12.08
N THR A 257 -15.83 -36.34 11.09
CA THR A 257 -16.28 -36.14 9.67
C THR A 257 -17.58 -36.89 9.41
N GLY A 258 -17.78 -37.99 10.15
CA GLY A 258 -18.93 -38.90 9.92
C GLY A 258 -18.71 -39.78 8.73
N ILE A 259 -17.50 -39.78 8.14
CA ILE A 259 -17.19 -40.77 7.09
C ILE A 259 -16.30 -41.88 7.68
N ALA A 260 -16.84 -43.10 7.61
CA ALA A 260 -16.22 -44.35 8.06
C ALA A 260 -14.86 -44.51 7.39
N VAL A 261 -13.89 -45.04 8.14
CA VAL A 261 -12.47 -45.06 7.73
C VAL A 261 -12.36 -45.80 6.37
N LEU A 262 -13.11 -46.89 6.19
CA LEU A 262 -13.06 -47.81 5.01
C LEU A 262 -13.64 -47.12 3.77
N ASP A 263 -14.53 -46.16 3.97
CA ASP A 263 -15.12 -45.41 2.83
C ASP A 263 -14.06 -44.44 2.31
N MET A 264 -13.34 -43.76 3.22
CA MET A 264 -12.24 -42.83 2.88
C MET A 264 -11.16 -43.61 2.12
N CYS A 265 -10.93 -44.86 2.52
CA CYS A 265 -10.04 -45.81 1.80
C CYS A 265 -10.54 -45.99 0.37
N ALA A 266 -11.84 -46.16 0.17
CA ALA A 266 -12.46 -46.24 -1.17
C ALA A 266 -12.11 -44.98 -2.00
N SER A 267 -12.17 -43.80 -1.40
CA SER A 267 -11.79 -42.49 -2.00
C SER A 267 -10.28 -42.45 -2.33
N LEU A 268 -9.45 -42.98 -1.42
CA LEU A 268 -7.98 -43.00 -1.61
C LEU A 268 -7.65 -43.98 -2.73
N LYS A 269 -8.30 -45.15 -2.72
CA LYS A 269 -8.07 -46.22 -3.72
C LYS A 269 -8.37 -45.70 -5.14
N GLU A 270 -9.44 -44.93 -5.32
CA GLU A 270 -9.79 -44.43 -6.67
C GLU A 270 -8.82 -43.33 -7.09
N LEU A 271 -8.24 -42.60 -6.12
CA LEU A 271 -7.28 -41.52 -6.41
C LEU A 271 -5.97 -42.12 -6.90
N LEU A 272 -5.49 -43.13 -6.16
CA LEU A 272 -4.30 -43.95 -6.52
C LEU A 272 -4.44 -44.46 -7.96
N GLN A 273 -5.64 -44.89 -8.32
CA GLN A 273 -5.88 -45.65 -9.56
C GLN A 273 -6.13 -44.71 -10.74
N ASN A 274 -6.62 -43.49 -10.53
CA ASN A 274 -7.03 -42.64 -11.69
C ASN A 274 -6.30 -41.29 -11.68
N GLY A 275 -5.51 -41.01 -10.64
CA GLY A 275 -4.76 -39.74 -10.54
C GLY A 275 -5.60 -38.64 -9.94
N MET A 276 -4.99 -37.48 -9.69
CA MET A 276 -5.61 -36.34 -8.95
C MET A 276 -6.40 -35.45 -9.91
N ASN A 277 -6.49 -35.82 -11.18
CA ASN A 277 -7.60 -35.39 -12.07
C ASN A 277 -7.51 -33.89 -12.29
N GLY A 278 -6.30 -33.33 -12.28
CA GLY A 278 -6.01 -31.90 -12.56
C GLY A 278 -6.23 -31.05 -11.33
N ARG A 279 -7.16 -31.50 -10.47
CA ARG A 279 -7.60 -30.82 -9.22
C ARG A 279 -6.55 -30.92 -8.10
N THR A 280 -6.67 -29.98 -7.17
CA THR A 280 -5.85 -29.89 -5.95
C THR A 280 -6.71 -30.25 -4.74
N ILE A 281 -6.07 -30.83 -3.72
CA ILE A 281 -6.61 -31.02 -2.36
C ILE A 281 -5.71 -30.27 -1.39
N LEU A 282 -6.30 -29.42 -0.54
CA LEU A 282 -5.58 -28.50 0.36
C LEU A 282 -4.49 -27.77 -0.43
N GLY A 283 -4.84 -27.30 -1.63
CA GLY A 283 -3.96 -26.50 -2.51
C GLY A 283 -2.75 -27.29 -3.01
N SER A 284 -2.78 -28.61 -2.89
CA SER A 284 -1.67 -29.49 -3.33
C SER A 284 -2.24 -30.48 -4.33
N ALA A 285 -1.60 -30.55 -5.49
CA ALA A 285 -1.89 -31.50 -6.57
C ALA A 285 -1.17 -32.81 -6.28
N LEU A 286 -0.46 -32.86 -5.16
CA LEU A 286 0.29 -34.06 -4.71
C LEU A 286 -0.40 -34.61 -3.48
N LEU A 287 -0.49 -35.93 -3.41
CA LEU A 287 -0.93 -36.60 -2.16
C LEU A 287 0.10 -36.21 -1.10
N GLU A 288 -0.38 -35.73 0.06
CA GLU A 288 0.44 -35.33 1.21
C GLU A 288 0.29 -36.39 2.33
N ASP A 289 1.42 -36.86 2.83
CA ASP A 289 1.48 -37.93 3.86
C ASP A 289 2.35 -37.49 5.03
N GLU A 290 2.60 -36.19 5.20
CA GLU A 290 3.49 -35.63 6.26
C GLU A 290 2.62 -34.97 7.32
N PHE A 291 1.33 -35.31 7.32
CA PHE A 291 0.41 -34.95 8.42
C PHE A 291 -0.01 -36.24 9.12
N THR A 292 0.25 -36.34 10.43
CA THR A 292 -0.19 -37.51 11.27
C THR A 292 -1.67 -37.32 11.59
N PRO A 293 -2.45 -38.39 11.82
CA PRO A 293 -3.81 -38.22 12.35
C PRO A 293 -3.85 -37.29 13.58
N PHE A 294 -2.92 -37.46 14.53
CA PHE A 294 -2.84 -36.57 15.71
C PHE A 294 -2.74 -35.11 15.25
N ASP A 295 -1.94 -34.83 14.23
CA ASP A 295 -1.52 -33.45 13.89
C ASP A 295 -2.70 -32.73 13.27
N VAL A 296 -3.57 -33.47 12.60
CA VAL A 296 -4.85 -32.95 12.02
C VAL A 296 -5.74 -32.54 13.18
N VAL A 297 -5.87 -33.45 14.15
CA VAL A 297 -6.70 -33.26 15.37
C VAL A 297 -6.17 -32.02 16.06
N ARG A 298 -4.85 -31.88 16.12
CA ARG A 298 -4.20 -30.79 16.88
C ARG A 298 -4.49 -29.46 16.16
N GLN A 299 -4.11 -29.37 14.88
CA GLN A 299 -4.23 -28.15 14.06
C GLN A 299 -5.70 -27.83 13.85
N CYS A 300 -6.54 -28.82 13.62
CA CYS A 300 -8.01 -28.62 13.42
C CYS A 300 -8.73 -28.55 14.76
N SER A 301 -8.09 -28.91 15.88
CA SER A 301 -8.58 -28.61 17.26
C SER A 301 -7.41 -28.07 18.10
N GLY A 302 -6.95 -26.86 17.79
CA GLY A 302 -5.93 -26.12 18.57
C GLY A 302 -5.07 -27.01 19.46
N VAL A 303 -5.32 -27.02 20.76
CA VAL A 303 -4.46 -27.67 21.80
C VAL A 303 -3.28 -26.73 22.10
N SER B 1 20.78 -29.44 2.91
CA SER B 1 20.32 -28.46 1.91
C SER B 1 18.99 -28.89 1.30
N GLY B 2 17.93 -29.01 2.10
CA GLY B 2 16.57 -29.12 1.53
C GLY B 2 15.92 -27.76 1.23
N PHE B 3 14.59 -27.74 1.23
CA PHE B 3 13.76 -26.51 1.13
C PHE B 3 12.37 -26.82 1.70
N ARG B 4 12.03 -26.21 2.85
CA ARG B 4 10.76 -26.45 3.58
C ARG B 4 10.09 -25.10 3.82
N LYS B 5 8.78 -25.10 4.03
CA LYS B 5 8.03 -23.92 4.54
C LYS B 5 8.49 -23.70 5.98
N MET B 6 9.38 -22.73 6.16
CA MET B 6 10.13 -22.45 7.42
C MET B 6 9.58 -21.17 8.04
N ALA B 7 9.42 -21.20 9.36
CA ALA B 7 8.96 -20.09 10.21
C ALA B 7 10.12 -19.54 11.01
N PHE B 8 10.01 -18.28 11.42
CA PHE B 8 10.91 -17.61 12.41
C PHE B 8 10.78 -18.32 13.75
N PRO B 9 11.86 -18.38 14.56
CA PRO B 9 11.76 -18.89 15.93
C PRO B 9 10.84 -18.00 16.80
N SER B 10 9.89 -18.60 17.54
CA SER B 10 8.71 -17.88 18.10
C SER B 10 8.94 -17.35 19.53
N GLY B 11 9.92 -17.87 20.28
CA GLY B 11 10.05 -17.71 21.75
C GLY B 11 9.88 -16.29 22.25
N LYS B 12 10.55 -15.34 21.59
CA LYS B 12 10.42 -13.88 21.90
C LYS B 12 8.94 -13.52 21.85
N VAL B 13 8.25 -13.87 20.78
CA VAL B 13 6.84 -13.45 20.57
C VAL B 13 5.91 -14.18 21.55
N GLU B 14 6.20 -15.45 21.85
CA GLU B 14 5.41 -16.27 22.81
C GLU B 14 5.34 -15.57 24.17
N GLY B 15 6.41 -14.89 24.58
CA GLY B 15 6.50 -14.14 25.85
C GLY B 15 5.68 -12.86 25.90
N CYS B 16 5.00 -12.47 24.82
CA CYS B 16 4.13 -11.26 24.79
C CYS B 16 2.68 -11.59 24.49
N MET B 17 2.28 -12.86 24.58
CA MET B 17 0.87 -13.23 24.24
C MET B 17 -0.02 -13.18 25.49
N VAL B 18 -1.11 -12.42 25.44
CA VAL B 18 -2.03 -12.33 26.62
C VAL B 18 -3.42 -12.87 26.23
N GLN B 19 -4.16 -13.40 27.21
CA GLN B 19 -5.63 -13.58 27.11
C GLN B 19 -6.29 -12.27 27.54
N VAL B 20 -7.20 -11.79 26.72
CA VAL B 20 -8.03 -10.58 27.00
C VAL B 20 -9.49 -11.03 26.96
N THR B 21 -10.23 -10.75 28.01
CA THR B 21 -11.69 -11.03 28.09
C THR B 21 -12.41 -9.73 28.45
N CYS B 22 -13.54 -9.48 27.80
CA CYS B 22 -14.52 -8.43 28.18
C CYS B 22 -15.90 -9.05 28.26
N GLY B 23 -16.46 -9.14 29.45
CA GLY B 23 -17.74 -9.85 29.66
C GLY B 23 -17.53 -11.33 29.38
N THR B 24 -18.23 -11.85 28.38
CA THR B 24 -18.10 -13.26 27.91
C THR B 24 -17.27 -13.26 26.63
N THR B 25 -16.68 -12.16 26.20
CA THR B 25 -15.91 -12.17 24.93
C THR B 25 -14.43 -12.38 25.25
N THR B 26 -13.83 -13.42 24.70
CA THR B 26 -12.41 -13.78 24.91
C THR B 26 -11.67 -13.70 23.58
N LEU B 27 -10.48 -13.12 23.59
CA LEU B 27 -9.58 -13.06 22.41
C LEU B 27 -8.13 -13.18 22.90
N ASN B 28 -7.17 -13.03 22.00
CA ASN B 28 -5.72 -12.88 22.31
C ASN B 28 -5.28 -11.41 22.19
N GLY B 29 -4.34 -10.99 23.03
CA GLY B 29 -3.63 -9.71 22.88
C GLY B 29 -2.12 -9.89 22.94
N LEU B 30 -1.41 -8.87 22.49
CA LEU B 30 0.08 -8.84 22.44
C LEU B 30 0.53 -7.79 23.47
N TRP B 31 1.28 -8.19 24.50
CA TRP B 31 1.61 -7.23 25.60
C TRP B 31 3.09 -6.86 25.57
N LEU B 32 3.33 -5.61 25.18
CA LEU B 32 4.67 -5.03 25.02
C LEU B 32 4.71 -3.78 25.90
N ASP B 33 5.76 -3.66 26.73
CA ASP B 33 6.00 -2.49 27.60
C ASP B 33 4.71 -1.78 27.94
N ASP B 34 3.95 -2.31 28.90
CA ASP B 34 2.91 -1.56 29.66
C ASP B 34 1.61 -1.43 28.83
N VAL B 35 1.58 -1.72 27.52
CA VAL B 35 0.33 -1.65 26.68
C VAL B 35 0.00 -3.02 26.06
N VAL B 36 -1.29 -3.34 25.96
CA VAL B 36 -1.79 -4.65 25.46
C VAL B 36 -2.69 -4.39 24.26
N TYR B 37 -2.28 -4.91 23.11
CA TYR B 37 -2.98 -4.76 21.81
C TYR B 37 -3.86 -5.99 21.55
N CYS B 38 -5.16 -5.75 21.33
CA CYS B 38 -6.16 -6.80 21.02
C CYS B 38 -7.29 -6.17 20.20
N PRO B 39 -7.97 -6.95 19.32
CA PRO B 39 -8.96 -6.37 18.40
C PRO B 39 -10.09 -5.73 19.19
N ARG B 40 -10.69 -4.67 18.67
CA ARG B 40 -11.59 -3.84 19.50
C ARG B 40 -12.86 -4.62 19.78
N HIS B 41 -13.23 -5.55 18.91
CA HIS B 41 -14.51 -6.29 19.03
C HIS B 41 -14.50 -7.19 20.29
N VAL B 42 -13.42 -7.24 21.06
CA VAL B 42 -13.38 -8.01 22.33
C VAL B 42 -14.51 -7.49 23.22
N ILE B 43 -14.86 -6.20 23.07
CA ILE B 43 -15.90 -5.47 23.86
C ILE B 43 -17.28 -5.93 23.35
N CYS B 44 -17.37 -6.21 22.05
CA CYS B 44 -18.66 -6.50 21.39
C CYS B 44 -19.27 -7.79 21.92
N THR B 45 -20.60 -7.83 21.94
CA THR B 45 -21.39 -9.03 22.30
C THR B 45 -21.80 -9.71 21.01
N SER B 46 -22.12 -10.99 21.10
CA SER B 46 -22.67 -11.76 19.97
C SER B 46 -23.58 -10.82 19.16
N GLU B 47 -24.69 -10.42 19.78
CA GLU B 47 -25.82 -9.79 19.04
C GLU B 47 -25.36 -8.43 18.50
N ASP B 48 -24.33 -7.86 19.11
CA ASP B 48 -23.84 -6.49 18.86
C ASP B 48 -22.93 -6.43 17.64
N MET B 49 -22.24 -7.52 17.40
CA MET B 49 -21.28 -7.64 16.28
C MET B 49 -21.98 -7.59 14.92
N LEU B 50 -23.27 -7.86 14.85
CA LEU B 50 -24.00 -7.80 13.53
C LEU B 50 -24.01 -6.34 13.07
N ASN B 51 -24.22 -5.45 14.02
CA ASN B 51 -24.22 -3.97 13.84
C ASN B 51 -23.64 -3.36 15.10
N PRO B 52 -22.30 -3.33 15.26
CA PRO B 52 -21.68 -2.73 16.47
C PRO B 52 -21.54 -1.21 16.36
N ASN B 53 -21.60 -0.49 17.50
CA ASN B 53 -21.21 0.95 17.60
C ASN B 53 -20.03 1.08 18.57
N TYR B 54 -18.81 1.02 18.03
CA TYR B 54 -17.55 0.81 18.79
C TYR B 54 -17.25 1.99 19.71
N GLU B 55 -17.39 3.22 19.19
CA GLU B 55 -17.11 4.46 19.97
C GLU B 55 -18.05 4.46 21.19
N ASP B 56 -19.34 4.31 20.92
CA ASP B 56 -20.45 4.24 21.91
C ASP B 56 -20.16 3.18 22.95
N LEU B 57 -19.73 2.00 22.50
CA LEU B 57 -19.59 0.87 23.43
C LEU B 57 -18.39 1.13 24.31
N LEU B 58 -17.40 1.87 23.80
CA LEU B 58 -16.16 2.10 24.60
C LEU B 58 -16.48 3.14 25.70
N ILE B 59 -17.28 4.18 25.38
CA ILE B 59 -17.78 5.18 26.38
C ILE B 59 -18.49 4.43 27.50
N ARG B 60 -19.22 3.36 27.21
CA ARG B 60 -20.06 2.69 28.23
C ARG B 60 -19.15 1.93 29.19
N LYS B 61 -18.31 1.07 28.63
CA LYS B 61 -17.35 0.26 29.42
C LYS B 61 -16.49 1.20 30.25
N SER B 62 -15.95 0.67 31.33
CA SER B 62 -14.89 1.28 32.18
C SER B 62 -13.69 0.34 32.25
N ASN B 63 -12.57 0.82 32.76
CA ASN B 63 -11.26 0.10 32.78
C ASN B 63 -11.40 -1.28 33.42
N HIS B 64 -12.35 -1.41 34.35
CA HIS B 64 -12.66 -2.63 35.16
C HIS B 64 -13.34 -3.69 34.30
N ASN B 65 -13.83 -3.31 33.11
CA ASN B 65 -14.53 -4.28 32.22
C ASN B 65 -13.50 -5.21 31.56
N PHE B 66 -12.22 -4.85 31.50
CA PHE B 66 -11.18 -5.56 30.72
C PHE B 66 -10.27 -6.37 31.66
N LEU B 67 -10.28 -7.69 31.52
CA LEU B 67 -9.57 -8.61 32.45
C LEU B 67 -8.46 -9.34 31.69
N VAL B 68 -7.21 -8.92 31.88
CA VAL B 68 -6.08 -9.42 31.07
C VAL B 68 -5.23 -10.29 31.99
N GLN B 69 -5.10 -11.56 31.65
CA GLN B 69 -4.24 -12.52 32.40
C GLN B 69 -3.12 -12.99 31.50
N ALA B 70 -1.90 -12.70 31.88
CA ALA B 70 -0.68 -13.29 31.29
C ALA B 70 -0.25 -14.43 32.20
N GLY B 71 -0.53 -15.65 31.81
CA GLY B 71 -0.13 -16.84 32.58
C GLY B 71 -0.99 -16.93 33.83
N ASN B 72 -0.36 -16.93 35.01
CA ASN B 72 -1.09 -17.03 36.31
C ASN B 72 -1.25 -15.66 36.96
N VAL B 73 -0.68 -14.62 36.34
CA VAL B 73 -0.79 -13.22 36.84
C VAL B 73 -1.94 -12.53 36.11
N GLN B 74 -2.93 -12.03 36.85
CA GLN B 74 -3.83 -10.98 36.32
C GLN B 74 -3.04 -9.69 36.12
N LEU B 75 -3.42 -8.90 35.10
CA LEU B 75 -2.90 -7.53 34.87
C LEU B 75 -3.98 -6.51 35.16
N ARG B 76 -3.62 -5.48 35.93
CA ARG B 76 -4.50 -4.32 36.27
C ARG B 76 -4.53 -3.35 35.09
N VAL B 77 -5.71 -3.05 34.55
CA VAL B 77 -5.89 -2.16 33.35
C VAL B 77 -6.29 -0.75 33.75
N ILE B 78 -5.48 0.21 33.31
CA ILE B 78 -5.60 1.63 33.71
C ILE B 78 -6.26 2.45 32.60
N GLY B 79 -6.54 1.85 31.45
CA GLY B 79 -7.01 2.66 30.31
C GLY B 79 -7.57 1.85 29.17
N HIS B 80 -8.54 2.41 28.48
CA HIS B 80 -9.24 1.77 27.34
C HIS B 80 -9.27 2.79 26.20
N SER B 81 -8.44 2.53 25.22
CA SER B 81 -8.20 3.43 24.08
C SER B 81 -8.39 2.60 22.81
N MET B 82 -9.15 3.14 21.85
CA MET B 82 -9.31 2.56 20.52
C MET B 82 -8.30 3.19 19.57
N GLN B 83 -7.51 2.36 18.92
CA GLN B 83 -6.61 2.79 17.82
C GLN B 83 -7.16 2.20 16.53
N ASN B 84 -7.90 2.99 15.76
CA ASN B 84 -8.73 2.50 14.63
C ASN B 84 -9.58 1.29 15.07
N CYS B 85 -9.30 0.08 14.57
CA CYS B 85 -10.05 -1.15 14.91
C CYS B 85 -9.25 -2.03 15.87
N VAL B 86 -8.22 -1.47 16.51
CA VAL B 86 -7.38 -2.14 17.54
C VAL B 86 -7.55 -1.41 18.87
N LEU B 87 -7.61 -2.18 19.95
CA LEU B 87 -7.68 -1.66 21.33
C LEU B 87 -6.27 -1.63 21.88
N LYS B 88 -5.94 -0.53 22.58
CA LYS B 88 -4.72 -0.40 23.39
C LYS B 88 -5.12 -0.40 24.86
N LEU B 89 -4.73 -1.44 25.59
CA LEU B 89 -5.08 -1.56 27.03
C LEU B 89 -3.85 -1.23 27.86
N LYS B 90 -3.88 -0.12 28.59
CA LYS B 90 -2.76 0.28 29.46
C LYS B 90 -2.82 -0.63 30.69
N VAL B 91 -1.67 -1.11 31.14
CA VAL B 91 -1.55 -1.84 32.43
C VAL B 91 -0.57 -1.07 33.31
N ASP B 92 -0.64 -1.29 34.62
CA ASP B 92 0.37 -0.83 35.61
C ASP B 92 1.70 -1.51 35.26
N THR B 93 1.67 -2.82 35.08
CA THR B 93 2.89 -3.65 34.90
C THR B 93 3.29 -3.58 33.44
N ALA B 94 4.58 -3.80 33.13
CA ALA B 94 5.06 -3.85 31.73
C ALA B 94 5.76 -5.18 31.50
N ASN B 95 5.55 -5.75 30.31
CA ASN B 95 6.09 -7.06 29.92
C ASN B 95 7.61 -7.01 30.05
N PRO B 96 8.24 -7.89 30.87
CA PRO B 96 9.70 -7.95 31.00
C PRO B 96 10.35 -8.71 29.82
N LYS B 97 9.50 -9.33 29.01
CA LYS B 97 9.88 -10.07 27.80
C LYS B 97 9.79 -9.15 26.56
N THR B 98 9.49 -7.87 26.73
CA THR B 98 9.28 -6.95 25.58
C THR B 98 10.54 -6.79 24.75
N PRO B 99 10.64 -7.38 23.54
CA PRO B 99 11.88 -7.29 22.77
C PRO B 99 11.94 -5.98 21.98
N LYS B 100 13.11 -5.70 21.43
CA LYS B 100 13.27 -4.68 20.36
C LYS B 100 12.16 -4.95 19.34
N TYR B 101 11.35 -3.93 18.99
CA TYR B 101 10.15 -4.19 18.15
C TYR B 101 9.79 -2.93 17.34
N LYS B 102 9.03 -3.14 16.26
CA LYS B 102 8.43 -2.10 15.39
C LYS B 102 7.08 -2.61 14.92
N PHE B 103 6.22 -1.74 14.40
CA PHE B 103 4.89 -2.12 13.87
C PHE B 103 4.86 -1.74 12.40
N VAL B 104 4.97 -2.73 11.51
CA VAL B 104 5.21 -2.53 10.04
C VAL B 104 3.96 -2.97 9.26
N ARG B 105 3.58 -2.15 8.27
CA ARG B 105 2.49 -2.43 7.30
C ARG B 105 3.14 -3.07 6.07
N ILE B 106 3.36 -4.38 6.10
CA ILE B 106 3.98 -5.12 4.96
C ILE B 106 3.11 -4.93 3.71
N GLN B 107 3.65 -5.28 2.56
CA GLN B 107 3.00 -5.19 1.23
C GLN B 107 2.35 -6.53 0.90
N PRO B 108 1.34 -6.55 0.02
CA PRO B 108 0.90 -7.82 -0.58
C PRO B 108 2.09 -8.63 -1.13
N GLY B 109 2.09 -9.92 -0.84
CA GLY B 109 3.21 -10.79 -1.19
C GLY B 109 4.25 -10.94 -0.09
N GLN B 110 4.51 -9.92 0.73
CA GLN B 110 5.47 -10.11 1.85
C GLN B 110 4.99 -11.31 2.66
N THR B 111 5.91 -12.20 3.02
CA THR B 111 5.63 -13.38 3.86
C THR B 111 5.91 -13.03 5.30
N PHE B 112 5.31 -13.78 6.22
CA PHE B 112 5.56 -13.61 7.67
C PHE B 112 5.09 -14.87 8.40
N SER B 113 5.68 -15.08 9.57
CA SER B 113 5.34 -16.23 10.43
C SER B 113 4.19 -15.82 11.32
N VAL B 114 3.20 -16.69 11.42
CA VAL B 114 1.98 -16.46 12.21
C VAL B 114 2.11 -17.33 13.45
N LEU B 115 2.05 -16.75 14.66
CA LEU B 115 1.96 -17.56 15.90
C LEU B 115 0.50 -17.69 16.32
N ALA B 116 -0.06 -18.89 16.14
CA ALA B 116 -1.47 -19.20 16.46
C ALA B 116 -1.63 -19.43 17.95
N CYS B 117 -2.49 -18.63 18.59
CA CYS B 117 -2.75 -18.72 20.04
C CYS B 117 -4.25 -18.81 20.30
N TYR B 118 -4.59 -19.61 21.33
CA TYR B 118 -5.95 -19.82 21.89
C TYR B 118 -5.84 -19.70 23.42
N ASN B 119 -6.56 -18.72 23.97
CA ASN B 119 -6.64 -18.43 25.42
C ASN B 119 -5.28 -17.89 25.87
N GLY B 120 -4.67 -17.14 24.95
CA GLY B 120 -3.36 -16.50 25.06
C GLY B 120 -2.27 -17.55 25.10
N SER B 121 -2.59 -18.79 24.73
CA SER B 121 -1.56 -19.86 24.68
C SER B 121 -1.24 -20.21 23.23
N PRO B 122 0.06 -20.29 22.89
CA PRO B 122 0.49 -20.82 21.60
C PRO B 122 -0.06 -22.23 21.31
N SER B 123 -0.57 -22.45 20.10
CA SER B 123 -0.86 -23.79 19.54
C SER B 123 0.10 -24.13 18.39
N GLY B 124 0.82 -23.15 17.86
CA GLY B 124 2.00 -23.41 17.01
C GLY B 124 2.27 -22.28 16.05
N VAL B 125 3.17 -22.54 15.12
CA VAL B 125 3.76 -21.51 14.20
C VAL B 125 3.72 -22.07 12.77
N TYR B 126 3.29 -21.21 11.84
CA TYR B 126 3.34 -21.48 10.39
C TYR B 126 3.64 -20.19 9.65
N GLN B 127 3.96 -20.31 8.37
CA GLN B 127 4.34 -19.19 7.50
C GLN B 127 3.14 -18.88 6.59
N CYS B 128 2.77 -17.60 6.45
CA CYS B 128 1.73 -17.15 5.49
C CYS B 128 2.20 -15.94 4.68
N ALA B 129 1.55 -15.69 3.55
CA ALA B 129 1.89 -14.58 2.65
C ALA B 129 0.68 -13.66 2.52
N MET B 130 0.92 -12.34 2.44
CA MET B 130 -0.17 -11.36 2.24
C MET B 130 -0.66 -11.46 0.80
N ARG B 131 -1.79 -12.14 0.57
CA ARG B 131 -2.30 -12.27 -0.81
C ARG B 131 -2.45 -10.88 -1.43
N PRO B 132 -2.18 -10.74 -2.74
CA PRO B 132 -2.42 -9.49 -3.45
C PRO B 132 -3.82 -8.91 -3.27
N ASN B 133 -4.81 -9.77 -3.00
CA ASN B 133 -6.22 -9.42 -2.73
C ASN B 133 -6.37 -9.12 -1.23
N PHE B 134 -5.26 -8.97 -0.51
CA PHE B 134 -5.24 -8.55 0.92
C PHE B 134 -5.95 -9.55 1.82
N THR B 135 -5.80 -10.83 1.54
CA THR B 135 -6.26 -11.91 2.45
C THR B 135 -5.05 -12.73 2.83
N ILE B 136 -5.15 -13.48 3.92
CA ILE B 136 -4.13 -14.51 4.24
C ILE B 136 -4.86 -15.84 4.39
N LYS B 137 -4.31 -16.88 3.79
CA LYS B 137 -4.82 -18.26 3.97
C LYS B 137 -3.88 -18.96 4.95
N GLY B 138 -4.20 -18.86 6.23
CA GLY B 138 -3.57 -19.67 7.27
C GLY B 138 -4.57 -20.63 7.88
N SER B 139 -4.39 -20.95 9.15
CA SER B 139 -5.08 -22.03 9.86
C SER B 139 -5.66 -21.43 11.12
N PHE B 140 -6.86 -20.90 11.03
CA PHE B 140 -7.40 -20.05 12.11
C PHE B 140 -8.71 -20.67 12.58
N LEU B 141 -8.82 -20.89 13.89
CA LEU B 141 -10.08 -21.38 14.49
C LEU B 141 -10.60 -20.30 15.43
N ASN B 142 -11.73 -20.56 16.07
CA ASN B 142 -12.34 -19.67 17.09
C ASN B 142 -11.48 -19.71 18.34
N GLY B 143 -11.27 -18.52 18.91
CA GLY B 143 -10.28 -18.26 19.97
C GLY B 143 -9.01 -17.67 19.40
N SER B 144 -8.87 -17.69 18.08
CA SER B 144 -7.64 -17.26 17.37
C SER B 144 -7.56 -15.73 17.30
N CYS B 145 -8.67 -15.02 17.27
CA CYS B 145 -8.62 -13.54 17.11
C CYS B 145 -7.43 -12.99 17.90
N GLY B 146 -6.74 -12.01 17.33
CA GLY B 146 -5.69 -11.29 18.04
C GLY B 146 -4.34 -11.93 17.89
N SER B 147 -4.26 -13.21 17.52
CA SER B 147 -2.98 -13.82 17.08
C SER B 147 -2.35 -12.83 16.11
N VAL B 148 -1.02 -12.87 16.01
CA VAL B 148 -0.17 -11.82 15.40
C VAL B 148 0.73 -12.42 14.30
N GLY B 149 1.03 -11.62 13.27
CA GLY B 149 2.01 -12.01 12.23
C GLY B 149 3.31 -11.25 12.41
N PHE B 150 4.47 -11.82 12.07
CA PHE B 150 5.75 -11.14 12.37
C PHE B 150 6.91 -11.65 11.51
N ASN B 151 7.88 -10.76 11.31
CA ASN B 151 9.22 -11.10 10.78
C ASN B 151 10.17 -10.82 11.93
N ILE B 152 11.30 -11.52 11.97
CA ILE B 152 12.42 -11.22 12.90
C ILE B 152 13.63 -10.76 12.07
N ASP B 153 14.14 -9.57 12.34
CA ASP B 153 15.30 -8.99 11.60
C ASP B 153 16.36 -8.64 12.65
N TYR B 154 17.36 -9.53 12.77
CA TYR B 154 18.44 -9.46 13.78
C TYR B 154 17.80 -9.52 15.17
N ASP B 155 17.81 -8.45 15.95
CA ASP B 155 17.27 -8.50 17.33
C ASP B 155 15.79 -8.09 17.30
N CYS B 156 15.37 -7.37 16.26
CA CYS B 156 14.05 -6.72 16.16
C CYS B 156 13.02 -7.77 15.78
N VAL B 157 11.81 -7.68 16.33
CA VAL B 157 10.59 -8.38 15.85
C VAL B 157 9.71 -7.34 15.17
N SER B 158 9.46 -7.49 13.88
CA SER B 158 8.63 -6.60 13.04
C SER B 158 7.24 -7.19 12.92
N PHE B 159 6.29 -6.75 13.73
CA PHE B 159 4.89 -7.22 13.80
C PHE B 159 4.11 -6.62 12.62
N CYS B 160 3.45 -7.44 11.83
CA CYS B 160 2.79 -6.96 10.59
C CYS B 160 1.29 -7.17 10.61
N TYR B 161 0.76 -8.09 11.43
CA TYR B 161 -0.62 -8.58 11.32
C TYR B 161 -1.26 -8.88 12.67
N MET B 162 -2.54 -8.54 12.84
CA MET B 162 -3.38 -9.11 13.92
C MET B 162 -4.64 -9.75 13.35
N HIS B 163 -4.96 -11.01 13.74
CA HIS B 163 -6.10 -11.78 13.19
C HIS B 163 -7.45 -11.41 13.80
N HIS B 164 -8.44 -11.26 12.91
CA HIS B 164 -9.79 -10.76 13.25
C HIS B 164 -10.86 -11.75 12.79
N MET B 165 -10.81 -12.23 11.55
CA MET B 165 -11.97 -12.96 11.00
C MET B 165 -11.60 -14.01 9.93
N GLU B 166 -12.40 -15.07 9.82
CA GLU B 166 -12.34 -15.98 8.64
C GLU B 166 -13.51 -15.69 7.71
N LEU B 167 -13.21 -15.46 6.43
CA LEU B 167 -14.22 -15.07 5.42
C LEU B 167 -15.00 -16.30 5.02
N PRO B 168 -16.14 -16.12 4.31
CA PRO B 168 -17.02 -17.24 3.94
C PRO B 168 -16.33 -18.23 3.00
N THR B 169 -15.40 -17.73 2.19
CA THR B 169 -14.57 -18.52 1.23
C THR B 169 -13.51 -19.31 2.01
N GLY B 170 -13.28 -19.01 3.29
CA GLY B 170 -12.42 -19.83 4.18
C GLY B 170 -11.05 -19.22 4.36
N VAL B 171 -10.78 -18.10 3.70
CA VAL B 171 -9.54 -17.30 3.88
C VAL B 171 -9.70 -16.44 5.13
N HIS B 172 -8.65 -15.73 5.50
CA HIS B 172 -8.60 -15.02 6.80
C HIS B 172 -8.20 -13.58 6.52
N ALA B 173 -8.70 -12.64 7.32
CA ALA B 173 -8.35 -11.20 7.19
C ALA B 173 -7.95 -10.63 8.55
N GLY B 174 -7.08 -9.64 8.54
CA GLY B 174 -6.63 -8.95 9.76
C GLY B 174 -6.11 -7.55 9.53
N THR B 175 -5.58 -6.95 10.58
CA THR B 175 -5.09 -5.56 10.55
C THR B 175 -3.60 -5.51 10.88
N ASP B 176 -2.99 -4.33 10.71
CA ASP B 176 -1.67 -4.00 11.27
C ASP B 176 -1.95 -3.64 12.71
N LEU B 177 -0.94 -3.45 13.54
CA LEU B 177 -1.20 -3.25 14.99
C LEU B 177 -1.53 -1.78 15.26
N GLU B 178 -1.62 -0.94 14.23
CA GLU B 178 -2.22 0.42 14.29
C GLU B 178 -3.73 0.33 14.07
N GLY B 179 -4.25 -0.88 13.83
CA GLY B 179 -5.70 -1.16 13.75
C GLY B 179 -6.25 -0.97 12.36
N ASN B 180 -5.36 -0.78 11.38
CA ASN B 180 -5.76 -0.55 9.97
C ASN B 180 -5.90 -1.90 9.27
N PHE B 181 -7.11 -2.22 8.87
CA PHE B 181 -7.40 -3.49 8.16
C PHE B 181 -6.64 -3.54 6.84
N TYR B 182 -6.13 -4.72 6.55
CA TYR B 182 -5.58 -5.09 5.22
C TYR B 182 -6.79 -5.38 4.31
N GLY B 183 -6.80 -4.81 3.11
CA GLY B 183 -7.85 -5.04 2.11
C GLY B 183 -9.12 -4.27 2.44
N PRO B 184 -10.23 -4.60 1.79
CA PRO B 184 -11.47 -3.84 1.90
C PRO B 184 -12.42 -4.50 2.91
N PHE B 185 -11.97 -4.59 4.16
CA PHE B 185 -12.79 -5.28 5.18
C PHE B 185 -13.07 -4.38 6.38
N VAL B 186 -14.19 -4.71 7.04
CA VAL B 186 -14.68 -4.09 8.29
C VAL B 186 -15.03 -5.21 9.28
N ASP B 187 -15.06 -4.89 10.57
CA ASP B 187 -15.15 -5.90 11.67
C ASP B 187 -16.62 -6.08 12.04
N ARG B 188 -17.51 -5.91 11.09
CA ARG B 188 -18.92 -6.33 11.23
C ARG B 188 -19.02 -7.85 11.10
N GLN B 189 -20.00 -8.47 11.76
CA GLN B 189 -20.27 -9.90 11.52
C GLN B 189 -21.24 -9.99 10.34
N THR B 190 -20.70 -9.73 9.16
CA THR B 190 -21.37 -9.86 7.86
C THR B 190 -20.41 -10.64 6.94
N ALA B 191 -20.95 -11.45 6.03
CA ALA B 191 -20.17 -12.04 4.94
C ALA B 191 -19.55 -10.93 4.07
N GLN B 192 -18.26 -11.07 3.80
CA GLN B 192 -17.49 -10.12 2.98
C GLN B 192 -16.60 -10.96 2.08
N ALA B 193 -16.51 -10.64 0.78
CA ALA B 193 -15.60 -11.32 -0.17
C ALA B 193 -14.44 -10.38 -0.53
N ALA B 194 -13.31 -10.97 -0.89
CA ALA B 194 -12.02 -10.26 -1.05
C ALA B 194 -11.93 -9.56 -2.40
N GLY B 195 -12.08 -10.33 -3.45
CA GLY B 195 -11.59 -9.97 -4.79
C GLY B 195 -11.15 -11.22 -5.47
N THR B 196 -10.60 -11.11 -6.67
CA THR B 196 -9.96 -12.26 -7.33
C THR B 196 -8.48 -12.17 -6.98
N ASP B 197 -7.97 -13.25 -6.41
CA ASP B 197 -6.56 -13.41 -5.97
C ASP B 197 -5.70 -13.60 -7.22
N THR B 198 -4.39 -13.33 -7.07
CA THR B 198 -3.35 -13.38 -8.12
C THR B 198 -2.06 -13.98 -7.54
N THR B 199 -1.24 -14.53 -8.40
CA THR B 199 0.07 -15.13 -8.03
C THR B 199 1.10 -14.01 -7.89
N ILE B 200 1.94 -14.13 -6.88
CA ILE B 200 3.06 -13.17 -6.60
C ILE B 200 4.25 -13.58 -7.45
N THR B 201 4.60 -12.75 -8.41
CA THR B 201 5.56 -13.11 -9.48
C THR B 201 6.98 -13.14 -8.94
N VAL B 202 7.39 -12.10 -8.22
CA VAL B 202 8.77 -12.00 -7.70
C VAL B 202 9.04 -13.22 -6.79
N ASN B 203 8.02 -13.71 -6.10
CA ASN B 203 8.14 -14.85 -5.15
C ASN B 203 8.39 -16.12 -5.94
N VAL B 204 7.76 -16.26 -7.11
CA VAL B 204 7.94 -17.47 -7.95
C VAL B 204 9.37 -17.50 -8.43
N LEU B 205 9.88 -16.37 -8.93
CA LEU B 205 11.29 -16.30 -9.40
C LEU B 205 12.17 -16.83 -8.26
N ALA B 206 11.93 -16.30 -7.07
CA ALA B 206 12.70 -16.64 -5.87
C ALA B 206 12.69 -18.16 -5.73
N TRP B 207 11.53 -18.78 -6.00
CA TRP B 207 11.34 -20.23 -5.78
C TRP B 207 12.11 -21.03 -6.84
N LEU B 208 12.05 -20.61 -8.09
CA LEU B 208 12.82 -21.25 -9.19
C LEU B 208 14.32 -21.14 -8.88
N TYR B 209 14.79 -19.97 -8.46
CA TYR B 209 16.20 -19.85 -8.01
C TYR B 209 16.48 -20.88 -6.92
N ALA B 210 15.56 -21.08 -5.98
CA ALA B 210 15.76 -22.02 -4.85
C ALA B 210 15.90 -23.44 -5.39
N ALA B 211 15.12 -23.79 -6.40
CA ALA B 211 15.29 -25.07 -7.10
C ALA B 211 16.71 -25.14 -7.70
N VAL B 212 17.13 -24.13 -8.45
CA VAL B 212 18.48 -24.14 -9.11
C VAL B 212 19.57 -24.37 -8.06
N ILE B 213 19.34 -23.89 -6.84
CA ILE B 213 20.26 -24.12 -5.70
C ILE B 213 20.16 -25.60 -5.28
N ASN B 214 18.98 -26.21 -5.37
CA ASN B 214 18.81 -27.65 -5.06
C ASN B 214 18.86 -28.50 -6.33
N GLY B 215 19.76 -28.15 -7.26
CA GLY B 215 20.17 -28.97 -8.41
C GLY B 215 19.07 -29.21 -9.44
N ASP B 216 18.15 -28.26 -9.62
CA ASP B 216 17.09 -28.37 -10.66
C ASP B 216 17.36 -27.31 -11.73
N ARG B 217 17.71 -27.72 -12.96
CA ARG B 217 18.08 -26.77 -14.03
C ARG B 217 17.18 -26.96 -15.27
N TRP B 218 16.39 -28.02 -15.27
CA TRP B 218 15.56 -28.48 -16.40
C TRP B 218 14.64 -27.38 -16.94
N PHE B 219 14.20 -26.43 -16.10
CA PHE B 219 13.21 -25.37 -16.43
C PHE B 219 13.89 -24.19 -17.11
N LEU B 220 15.23 -24.18 -17.07
CA LEU B 220 16.09 -23.09 -17.60
C LEU B 220 16.03 -23.07 -19.12
N ASN B 221 15.80 -21.90 -19.70
CA ASN B 221 15.70 -21.73 -21.17
C ASN B 221 16.59 -20.56 -21.60
N ARG B 222 17.40 -20.74 -22.64
CA ARG B 222 18.56 -19.85 -22.93
C ARG B 222 18.15 -18.70 -23.86
N PHE B 223 16.87 -18.57 -24.19
CA PHE B 223 16.35 -17.37 -24.87
C PHE B 223 16.18 -16.27 -23.81
N THR B 224 15.59 -15.13 -24.15
CA THR B 224 15.55 -13.90 -23.31
C THR B 224 14.15 -13.28 -23.39
N THR B 225 13.88 -12.24 -22.58
CA THR B 225 12.60 -11.50 -22.61
C THR B 225 12.83 -10.00 -22.44
N THR B 226 11.75 -9.22 -22.49
CA THR B 226 11.69 -7.87 -21.89
C THR B 226 10.72 -7.91 -20.71
N LEU B 227 10.90 -6.97 -19.78
CA LEU B 227 10.00 -6.83 -18.62
C LEU B 227 8.59 -6.62 -19.15
N ASN B 228 8.48 -5.68 -20.09
CA ASN B 228 7.20 -5.24 -20.66
C ASN B 228 6.58 -6.50 -21.26
N ASP B 229 7.27 -7.11 -22.21
CA ASP B 229 6.86 -8.40 -22.80
C ASP B 229 6.40 -9.32 -21.67
N PHE B 230 7.32 -9.76 -20.81
CA PHE B 230 7.06 -10.82 -19.80
C PHE B 230 5.80 -10.48 -19.02
N ASN B 231 5.68 -9.22 -18.61
CA ASN B 231 4.53 -8.74 -17.79
C ASN B 231 3.20 -8.91 -18.55
N LEU B 232 3.19 -8.64 -19.84
CA LEU B 232 1.97 -8.78 -20.66
C LEU B 232 1.49 -10.23 -20.74
N VAL B 233 2.39 -11.22 -20.71
CA VAL B 233 1.97 -12.64 -20.66
C VAL B 233 1.52 -12.97 -19.23
N ALA B 234 2.21 -12.39 -18.25
CA ALA B 234 1.91 -12.59 -16.82
C ALA B 234 0.49 -12.09 -16.51
N MET B 235 0.05 -11.02 -17.16
CA MET B 235 -1.31 -10.47 -16.93
C MET B 235 -2.33 -11.42 -17.56
N LYS B 236 -1.96 -12.07 -18.65
CA LYS B 236 -2.88 -13.05 -19.29
C LYS B 236 -3.10 -14.22 -18.32
N TYR B 237 -2.08 -14.62 -17.57
CA TYR B 237 -2.18 -15.79 -16.65
C TYR B 237 -2.50 -15.33 -15.21
N ASN B 238 -3.00 -14.10 -15.05
CA ASN B 238 -3.53 -13.52 -13.79
C ASN B 238 -2.41 -13.51 -12.74
N TYR B 239 -1.23 -13.05 -13.19
CA TYR B 239 -0.01 -12.91 -12.38
C TYR B 239 0.17 -11.43 -11.98
N GLU B 240 0.70 -11.21 -10.77
CA GLU B 240 1.04 -9.85 -10.29
C GLU B 240 2.23 -9.34 -11.09
N PRO B 241 2.33 -8.02 -11.36
CA PRO B 241 3.46 -7.49 -12.10
C PRO B 241 4.84 -7.67 -11.43
N LEU B 242 5.86 -7.50 -12.26
CA LEU B 242 7.29 -7.40 -11.88
C LEU B 242 7.72 -5.96 -12.16
N THR B 243 8.62 -5.45 -11.36
CA THR B 243 9.14 -4.06 -11.42
C THR B 243 10.65 -4.12 -11.41
N GLN B 244 11.33 -3.13 -11.99
CA GLN B 244 12.81 -3.11 -11.97
C GLN B 244 13.28 -3.41 -10.54
N ASP B 245 12.77 -2.68 -9.55
CA ASP B 245 13.23 -2.76 -8.13
C ASP B 245 13.23 -4.22 -7.68
N HIS B 246 12.27 -5.00 -8.17
CA HIS B 246 12.15 -6.46 -7.93
C HIS B 246 13.42 -7.17 -8.38
N VAL B 247 13.95 -6.76 -9.53
CA VAL B 247 15.18 -7.31 -10.15
C VAL B 247 16.35 -7.10 -9.19
N ASP B 248 16.41 -5.94 -8.53
CA ASP B 248 17.51 -5.59 -7.58
C ASP B 248 17.30 -6.43 -6.34
N ILE B 249 16.04 -6.52 -5.89
CA ILE B 249 15.58 -7.38 -4.78
C ILE B 249 16.07 -8.82 -4.99
N LEU B 250 15.99 -9.33 -6.22
CA LEU B 250 16.43 -10.71 -6.62
C LEU B 250 17.92 -10.77 -6.96
N GLY B 251 18.56 -9.64 -7.28
CA GLY B 251 19.98 -9.59 -7.65
C GLY B 251 20.86 -10.52 -6.81
N PRO B 252 20.90 -10.41 -5.46
CA PRO B 252 21.79 -11.28 -4.66
C PRO B 252 21.72 -12.76 -5.05
N LEU B 253 20.51 -13.31 -5.08
CA LEU B 253 20.24 -14.72 -5.50
C LEU B 253 20.72 -14.92 -6.94
N SER B 254 20.57 -13.90 -7.79
CA SER B 254 21.08 -13.91 -9.19
C SER B 254 22.60 -14.12 -9.17
N ALA B 255 23.27 -13.61 -8.13
CA ALA B 255 24.73 -13.60 -7.97
C ALA B 255 25.22 -14.99 -7.66
N GLN B 256 24.59 -15.60 -6.65
CA GLN B 256 24.88 -16.97 -6.18
C GLN B 256 24.69 -17.99 -7.31
N THR B 257 23.58 -17.88 -8.06
CA THR B 257 23.18 -18.82 -9.13
C THR B 257 23.92 -18.50 -10.43
N GLY B 258 24.14 -17.23 -10.70
CA GLY B 258 24.72 -16.79 -11.98
C GLY B 258 23.68 -16.76 -13.08
N ILE B 259 22.39 -16.77 -12.72
CA ILE B 259 21.33 -16.54 -13.74
C ILE B 259 20.73 -15.15 -13.53
N ALA B 260 21.05 -14.24 -14.45
CA ALA B 260 20.41 -12.91 -14.59
C ALA B 260 18.91 -13.11 -14.49
N VAL B 261 18.20 -12.15 -13.92
CA VAL B 261 16.78 -12.29 -13.53
C VAL B 261 15.97 -12.60 -14.79
N LEU B 262 16.13 -11.74 -15.78
CA LEU B 262 15.49 -11.84 -17.11
C LEU B 262 15.72 -13.22 -17.73
N ASP B 263 16.85 -13.89 -17.47
CA ASP B 263 17.05 -15.29 -17.95
C ASP B 263 16.06 -16.19 -17.22
N MET B 264 15.88 -15.97 -15.91
CA MET B 264 14.95 -16.78 -15.08
C MET B 264 13.52 -16.38 -15.42
N CYS B 265 13.25 -15.09 -15.59
CA CYS B 265 11.98 -14.61 -16.20
C CYS B 265 11.66 -15.44 -17.47
N ALA B 266 12.58 -15.44 -18.44
CA ALA B 266 12.39 -16.15 -19.74
C ALA B 266 12.00 -17.62 -19.49
N SER B 267 12.57 -18.26 -18.45
CA SER B 267 12.23 -19.66 -18.07
C SER B 267 10.78 -19.75 -17.58
N LEU B 268 10.42 -18.88 -16.65
CA LEU B 268 9.05 -18.81 -16.07
C LEU B 268 8.05 -18.55 -17.17
N LYS B 269 8.27 -17.47 -17.94
CA LYS B 269 7.37 -17.05 -19.03
C LYS B 269 6.93 -18.30 -19.82
N GLU B 270 7.86 -19.21 -20.06
CA GLU B 270 7.59 -20.45 -20.84
C GLU B 270 6.78 -21.44 -19.99
N LEU B 271 6.99 -21.46 -18.68
CA LEU B 271 6.29 -22.40 -17.75
C LEU B 271 4.82 -22.01 -17.63
N LEU B 272 4.54 -20.72 -17.72
CA LEU B 272 3.15 -20.18 -17.65
C LEU B 272 2.39 -20.59 -18.89
N GLN B 273 3.00 -20.37 -20.06
CA GLN B 273 2.28 -20.60 -21.33
C GLN B 273 2.17 -22.11 -21.54
N ASN B 274 3.25 -22.85 -21.36
CA ASN B 274 3.22 -24.26 -21.78
C ASN B 274 2.77 -25.12 -20.58
N GLY B 275 2.56 -24.53 -19.41
CA GLY B 275 2.35 -25.31 -18.17
C GLY B 275 3.65 -26.00 -17.75
N MET B 276 3.57 -26.93 -16.80
CA MET B 276 4.76 -27.41 -16.05
C MET B 276 5.27 -28.74 -16.60
N ASN B 277 4.58 -29.29 -17.58
CA ASN B 277 5.10 -30.44 -18.37
C ASN B 277 5.07 -31.73 -17.56
N GLY B 278 4.46 -31.74 -16.37
CA GLY B 278 4.40 -32.93 -15.52
C GLY B 278 5.70 -33.13 -14.76
N ARG B 279 6.58 -32.15 -14.78
CA ARG B 279 7.77 -32.15 -13.90
C ARG B 279 7.44 -31.64 -12.50
N THR B 280 8.33 -31.90 -11.56
CA THR B 280 8.23 -31.40 -10.17
C THR B 280 9.39 -30.44 -9.90
N ILE B 281 9.12 -29.42 -9.07
CA ILE B 281 10.14 -28.42 -8.66
C ILE B 281 10.06 -28.31 -7.14
N LEU B 282 11.20 -28.59 -6.49
CA LEU B 282 11.32 -28.64 -5.01
C LEU B 282 10.23 -29.54 -4.42
N GLY B 283 9.75 -30.54 -5.16
CA GLY B 283 8.68 -31.45 -4.67
C GLY B 283 7.32 -30.79 -4.65
N SER B 284 7.06 -29.91 -5.62
CA SER B 284 5.71 -29.34 -5.88
C SER B 284 5.37 -29.61 -7.34
N ALA B 285 4.11 -30.00 -7.58
CA ALA B 285 3.56 -30.17 -8.94
C ALA B 285 3.03 -28.82 -9.42
N LEU B 286 3.02 -27.83 -8.54
CA LEU B 286 2.43 -26.49 -8.73
C LEU B 286 3.54 -25.46 -8.56
N LEU B 287 3.35 -24.28 -9.14
CA LEU B 287 4.25 -23.13 -8.96
C LEU B 287 4.03 -22.57 -7.56
N GLU B 288 5.05 -22.13 -6.83
CA GLU B 288 4.91 -21.65 -5.42
C GLU B 288 5.21 -20.14 -5.30
N ASP B 289 4.31 -19.38 -4.65
CA ASP B 289 4.40 -17.89 -4.58
C ASP B 289 4.50 -17.37 -3.14
N GLU B 290 4.54 -18.25 -2.12
CA GLU B 290 4.55 -17.84 -0.69
C GLU B 290 5.94 -17.98 -0.08
N PHE B 291 6.99 -17.95 -0.90
CA PHE B 291 8.39 -17.73 -0.47
C PHE B 291 8.89 -16.42 -1.07
N THR B 292 9.33 -15.48 -0.21
CA THR B 292 9.94 -14.18 -0.63
C THR B 292 11.39 -14.42 -1.00
N PRO B 293 12.03 -13.52 -1.77
CA PRO B 293 13.47 -13.59 -2.03
C PRO B 293 14.38 -13.74 -0.80
N PHE B 294 14.24 -12.85 0.19
CA PHE B 294 14.98 -12.96 1.46
C PHE B 294 14.71 -14.31 2.13
N ASP B 295 13.49 -14.86 1.99
CA ASP B 295 13.12 -16.17 2.57
C ASP B 295 14.00 -17.26 1.98
N VAL B 296 14.24 -17.16 0.68
CA VAL B 296 15.11 -18.12 -0.04
C VAL B 296 16.52 -17.98 0.56
N VAL B 297 17.06 -16.78 0.60
CA VAL B 297 18.41 -16.51 1.20
C VAL B 297 18.43 -17.04 2.64
N ARG B 298 17.53 -16.52 3.48
CA ARG B 298 17.62 -16.71 4.95
C ARG B 298 17.68 -18.20 5.29
N GLN B 299 16.72 -18.97 4.76
CA GLN B 299 16.57 -20.44 4.96
C GLN B 299 17.76 -21.20 4.38
N CYS B 300 18.29 -20.78 3.22
CA CYS B 300 19.41 -21.51 2.54
C CYS B 300 20.77 -20.86 2.86
N SER B 301 20.84 -20.08 3.93
CA SER B 301 22.08 -19.49 4.51
C SER B 301 22.14 -19.84 6.00
N GLY B 302 20.99 -20.25 6.57
CA GLY B 302 20.76 -20.38 8.02
C GLY B 302 21.07 -19.07 8.69
N VAL B 303 20.21 -18.06 8.50
CA VAL B 303 20.53 -16.63 8.78
C VAL B 303 20.81 -16.41 10.28
N THR B 304 20.13 -17.09 11.21
CA THR B 304 20.54 -17.01 12.64
C THR B 304 20.93 -18.40 13.15
N SER C 1 7.77 32.86 -12.70
CA SER C 1 8.35 32.76 -11.34
C SER C 1 7.29 32.95 -10.25
N GLY C 2 6.24 32.13 -10.23
CA GLY C 2 5.32 32.04 -9.07
C GLY C 2 4.86 30.62 -8.84
N PHE C 3 4.21 30.34 -7.71
CA PHE C 3 3.82 28.95 -7.35
C PHE C 3 2.32 28.89 -6.98
N ARG C 4 1.54 28.16 -7.79
CA ARG C 4 0.09 27.96 -7.62
C ARG C 4 -0.20 26.46 -7.48
N LYS C 5 -1.33 26.18 -6.87
CA LYS C 5 -2.07 24.91 -6.96
C LYS C 5 -2.52 24.76 -8.40
N MET C 6 -1.80 23.93 -9.16
CA MET C 6 -1.94 23.89 -10.63
C MET C 6 -2.29 22.45 -11.00
N ALA C 7 -3.37 22.30 -11.73
CA ALA C 7 -4.01 21.01 -12.05
C ALA C 7 -3.55 20.62 -13.45
N PHE C 8 -3.76 19.37 -13.86
CA PHE C 8 -3.46 18.96 -15.24
C PHE C 8 -4.56 19.56 -16.12
N PRO C 9 -4.26 19.81 -17.41
CA PRO C 9 -5.33 19.94 -18.43
C PRO C 9 -6.36 18.78 -18.42
N SER C 10 -7.66 19.14 -18.46
CA SER C 10 -8.82 18.20 -18.32
C SER C 10 -9.42 17.78 -19.66
N GLY C 11 -8.93 18.28 -20.80
CA GLY C 11 -9.50 17.99 -22.12
C GLY C 11 -9.55 16.51 -22.41
N LYS C 12 -8.64 15.69 -21.88
CA LYS C 12 -8.57 14.28 -22.35
C LYS C 12 -9.60 13.47 -21.59
N VAL C 13 -9.79 13.81 -20.31
CA VAL C 13 -10.72 13.13 -19.35
C VAL C 13 -12.15 13.69 -19.52
N GLU C 14 -12.28 14.90 -20.06
CA GLU C 14 -13.64 15.51 -20.18
C GLU C 14 -14.54 14.62 -21.05
N GLY C 15 -13.99 14.10 -22.14
CA GLY C 15 -14.68 13.33 -23.20
C GLY C 15 -14.90 11.88 -22.81
N CYS C 16 -14.56 11.49 -21.56
CA CYS C 16 -14.88 10.16 -20.98
C CYS C 16 -16.02 10.23 -19.95
N MET C 17 -16.54 11.40 -19.61
CA MET C 17 -17.57 11.49 -18.54
C MET C 17 -19.00 11.37 -19.11
N VAL C 18 -19.80 10.48 -18.51
CA VAL C 18 -21.20 10.19 -18.94
C VAL C 18 -22.14 10.23 -17.72
N GLN C 19 -23.47 10.21 -17.95
CA GLN C 19 -24.50 10.16 -16.86
C GLN C 19 -25.15 8.78 -16.75
N VAL C 20 -25.25 8.25 -15.53
CA VAL C 20 -25.85 6.91 -15.28
C VAL C 20 -26.99 7.05 -14.29
N THR C 21 -28.11 6.41 -14.60
CA THR C 21 -29.37 6.43 -13.82
C THR C 21 -29.77 4.98 -13.60
N CYS C 22 -30.15 4.62 -12.38
CA CYS C 22 -30.68 3.27 -12.02
C CYS C 22 -31.87 3.51 -11.10
N GLY C 23 -33.08 3.16 -11.52
CA GLY C 23 -34.29 3.54 -10.76
C GLY C 23 -34.45 5.04 -10.81
N THR C 24 -34.34 5.69 -9.65
CA THR C 24 -34.45 7.16 -9.47
C THR C 24 -33.06 7.74 -9.21
N THR C 25 -32.04 6.88 -9.07
CA THR C 25 -30.69 7.27 -8.61
C THR C 25 -29.83 7.67 -9.81
N THR C 26 -29.12 8.78 -9.73
CA THR C 26 -28.32 9.32 -10.85
C THR C 26 -26.90 9.57 -10.33
N LEU C 27 -25.93 9.50 -11.24
CA LEU C 27 -24.49 9.36 -10.90
C LEU C 27 -23.73 9.73 -12.17
N ASN C 28 -22.40 9.66 -12.12
CA ASN C 28 -21.50 9.96 -13.27
C ASN C 28 -20.78 8.68 -13.62
N GLY C 29 -20.58 8.44 -14.91
CA GLY C 29 -19.81 7.29 -15.39
C GLY C 29 -18.60 7.71 -16.18
N LEU C 30 -17.53 6.93 -16.08
CA LEU C 30 -16.33 7.05 -16.93
C LEU C 30 -16.47 6.08 -18.08
N TRP C 31 -16.52 6.59 -19.32
CA TRP C 31 -16.71 5.77 -20.54
C TRP C 31 -15.37 5.61 -21.29
N LEU C 32 -14.79 4.43 -21.16
CA LEU C 32 -13.50 4.11 -21.86
C LEU C 32 -13.80 2.94 -22.76
N ASP C 33 -13.53 3.12 -24.05
CA ASP C 33 -13.82 2.10 -25.06
C ASP C 33 -15.32 1.84 -24.94
N ASP C 34 -15.69 0.57 -24.79
CA ASP C 34 -17.09 0.10 -24.80
C ASP C 34 -17.58 -0.14 -23.37
N VAL C 35 -16.95 0.43 -22.34
CA VAL C 35 -17.29 0.11 -20.92
C VAL C 35 -17.38 1.40 -20.11
N VAL C 36 -18.36 1.44 -19.20
CA VAL C 36 -18.66 2.60 -18.34
C VAL C 36 -18.53 2.10 -16.91
N TYR C 37 -17.59 2.75 -16.22
CA TYR C 37 -17.14 2.48 -14.83
C TYR C 37 -17.90 3.43 -13.89
N CYS C 38 -18.39 2.92 -12.78
CA CYS C 38 -19.20 3.76 -11.87
C CYS C 38 -19.38 3.04 -10.54
N PRO C 39 -19.71 3.80 -9.47
CA PRO C 39 -19.97 3.26 -8.13
C PRO C 39 -21.22 2.37 -8.11
N ARG C 40 -21.25 1.41 -7.20
CA ARG C 40 -22.21 0.33 -7.32
C ARG C 40 -23.48 0.77 -6.59
N HIS C 41 -23.40 1.77 -5.71
CA HIS C 41 -24.58 2.25 -4.96
C HIS C 41 -25.56 2.98 -5.90
N VAL C 42 -25.27 3.11 -7.20
CA VAL C 42 -26.27 3.69 -8.15
C VAL C 42 -27.47 2.73 -8.22
N ILE C 43 -27.25 1.41 -8.07
CA ILE C 43 -28.30 0.38 -8.24
C ILE C 43 -29.28 0.48 -7.07
N CYS C 44 -28.79 0.96 -5.92
CA CYS C 44 -29.53 0.99 -4.65
C CYS C 44 -30.48 2.18 -4.56
N THR C 45 -31.57 2.01 -3.82
CA THR C 45 -32.38 3.13 -3.28
C THR C 45 -31.90 3.50 -1.87
N SER C 46 -32.44 4.61 -1.37
CA SER C 46 -32.17 5.19 -0.04
C SER C 46 -32.15 4.08 1.01
N GLU C 47 -33.18 3.24 0.94
CA GLU C 47 -33.40 2.11 1.88
C GLU C 47 -32.16 1.22 1.90
N ASP C 48 -31.65 0.92 0.72
CA ASP C 48 -30.63 -0.14 0.58
C ASP C 48 -29.37 0.40 1.21
N MET C 49 -29.02 1.61 0.80
CA MET C 49 -27.68 2.23 1.03
C MET C 49 -27.24 2.03 2.49
N LEU C 50 -28.19 1.90 3.42
CA LEU C 50 -27.91 1.78 4.88
C LEU C 50 -27.33 0.40 5.12
N ASN C 51 -27.94 -0.62 4.51
CA ASN C 51 -27.57 -2.05 4.68
C ASN C 51 -27.90 -2.80 3.41
N PRO C 52 -27.04 -2.73 2.38
CA PRO C 52 -27.36 -3.21 1.03
C PRO C 52 -26.72 -4.55 0.63
N ASN C 53 -27.50 -5.39 -0.08
CA ASN C 53 -27.07 -6.68 -0.66
C ASN C 53 -26.86 -6.50 -2.16
N TYR C 54 -25.64 -6.13 -2.51
CA TYR C 54 -25.26 -5.62 -3.84
C TYR C 54 -25.40 -6.73 -4.87
N GLU C 55 -25.03 -7.94 -4.48
CA GLU C 55 -25.06 -9.09 -5.41
C GLU C 55 -26.53 -9.38 -5.70
N ASP C 56 -27.38 -9.44 -4.67
CA ASP C 56 -28.82 -9.72 -4.82
C ASP C 56 -29.45 -8.60 -5.63
N LEU C 57 -28.99 -7.37 -5.42
CA LEU C 57 -29.60 -6.21 -6.11
C LEU C 57 -29.18 -6.27 -7.58
N LEU C 58 -28.01 -6.82 -7.86
CA LEU C 58 -27.50 -6.89 -9.26
C LEU C 58 -28.31 -7.93 -10.04
N ILE C 59 -28.55 -9.09 -9.43
CA ILE C 59 -29.27 -10.22 -10.08
C ILE C 59 -30.67 -9.71 -10.47
N ARG C 60 -31.29 -8.95 -9.58
CA ARG C 60 -32.69 -8.51 -9.72
C ARG C 60 -32.81 -7.53 -10.90
N LYS C 61 -31.83 -6.64 -10.97
CA LYS C 61 -31.68 -5.66 -12.05
C LYS C 61 -31.35 -6.40 -13.33
N SER C 62 -31.68 -5.76 -14.44
CA SER C 62 -31.50 -6.23 -15.83
C SER C 62 -30.65 -5.21 -16.58
N ASN C 63 -30.32 -5.45 -17.84
CA ASN C 63 -29.56 -4.48 -18.66
C ASN C 63 -30.37 -3.19 -18.83
N HIS C 64 -31.69 -3.28 -18.84
CA HIS C 64 -32.57 -2.20 -19.36
C HIS C 64 -32.82 -1.20 -18.22
N ASN C 65 -32.43 -1.57 -16.99
CA ASN C 65 -32.54 -0.68 -15.82
C ASN C 65 -31.39 0.35 -15.82
N PHE C 66 -30.37 0.23 -16.68
CA PHE C 66 -29.19 1.15 -16.72
C PHE C 66 -29.31 2.08 -17.93
N LEU C 67 -29.44 3.37 -17.67
CA LEU C 67 -29.67 4.43 -18.69
C LEU C 67 -28.43 5.31 -18.75
N VAL C 68 -27.66 5.18 -19.80
CA VAL C 68 -26.33 5.79 -19.89
C VAL C 68 -26.47 6.92 -20.91
N GLN C 69 -26.02 8.12 -20.54
CA GLN C 69 -26.17 9.31 -21.40
C GLN C 69 -24.80 9.92 -21.67
N ALA C 70 -24.42 10.06 -22.93
CA ALA C 70 -23.21 10.82 -23.29
C ALA C 70 -23.62 12.13 -23.96
N GLY C 71 -23.91 13.17 -23.17
CA GLY C 71 -24.54 14.39 -23.69
C GLY C 71 -25.99 14.12 -24.08
N ASN C 72 -26.30 14.02 -25.37
CA ASN C 72 -27.68 13.74 -25.87
C ASN C 72 -27.74 12.36 -26.51
N VAL C 73 -26.68 11.56 -26.39
CA VAL C 73 -26.67 10.17 -26.94
C VAL C 73 -26.95 9.19 -25.81
N GLN C 74 -27.98 8.35 -25.96
CA GLN C 74 -28.41 7.39 -24.90
C GLN C 74 -27.94 5.98 -25.30
N LEU C 75 -27.02 5.41 -24.50
CA LEU C 75 -26.23 4.18 -24.79
C LEU C 75 -27.03 2.99 -24.29
N ARG C 76 -26.64 1.73 -24.63
CA ARG C 76 -27.58 0.58 -24.73
C ARG C 76 -27.22 -0.67 -23.90
N VAL C 77 -26.21 -0.61 -23.05
CA VAL C 77 -26.07 -1.50 -21.85
C VAL C 77 -26.38 -2.92 -22.26
N ILE C 78 -25.32 -3.59 -22.65
CA ILE C 78 -25.28 -5.00 -23.13
C ILE C 78 -24.76 -5.90 -22.02
N GLY C 79 -24.44 -5.33 -20.86
CA GLY C 79 -23.73 -6.06 -19.78
C GLY C 79 -23.61 -5.23 -18.52
N HIS C 80 -23.79 -5.86 -17.38
CA HIS C 80 -23.75 -5.16 -16.08
C HIS C 80 -23.00 -6.08 -15.12
N SER C 81 -21.77 -5.74 -14.84
CA SER C 81 -20.87 -6.65 -14.12
C SER C 81 -20.18 -5.83 -13.02
N MET C 82 -20.04 -6.42 -11.84
CA MET C 82 -19.48 -5.75 -10.66
C MET C 82 -18.07 -6.21 -10.41
N GLN C 83 -17.14 -5.28 -10.29
CA GLN C 83 -15.83 -5.57 -9.68
C GLN C 83 -15.74 -4.85 -8.34
N ASN C 84 -15.76 -5.61 -7.25
CA ASN C 84 -15.54 -5.03 -5.90
C ASN C 84 -16.60 -3.95 -5.72
N CYS C 85 -16.20 -2.69 -5.46
CA CYS C 85 -17.11 -1.53 -5.23
C CYS C 85 -17.32 -0.72 -6.53
N VAL C 86 -17.09 -1.29 -7.71
CA VAL C 86 -17.29 -0.61 -9.02
C VAL C 86 -18.21 -1.46 -9.88
N LEU C 87 -19.02 -0.76 -10.67
CA LEU C 87 -19.90 -1.38 -11.68
C LEU C 87 -19.28 -1.26 -13.06
N LYS C 88 -19.30 -2.34 -13.82
CA LYS C 88 -18.97 -2.28 -15.27
C LYS C 88 -20.27 -2.32 -16.08
N LEU C 89 -20.49 -1.27 -16.86
CA LEU C 89 -21.56 -1.26 -17.88
C LEU C 89 -20.90 -1.47 -19.26
N LYS C 90 -21.25 -2.57 -19.91
CA LYS C 90 -20.89 -2.87 -21.31
C LYS C 90 -21.91 -2.20 -22.22
N VAL C 91 -21.43 -1.48 -23.23
CA VAL C 91 -22.32 -0.65 -24.09
C VAL C 91 -22.19 -1.06 -25.55
N ASP C 92 -23.23 -0.76 -26.31
CA ASP C 92 -23.30 -1.00 -27.77
C ASP C 92 -22.27 -0.11 -28.51
N THR C 93 -21.62 0.88 -27.89
CA THR C 93 -20.65 1.74 -28.62
C THR C 93 -19.35 1.99 -27.84
N ALA C 94 -18.20 1.78 -28.48
CA ALA C 94 -16.87 2.20 -27.99
C ALA C 94 -16.75 3.71 -28.11
N ASN C 95 -16.17 4.35 -27.11
CA ASN C 95 -15.93 5.82 -27.06
C ASN C 95 -14.88 6.24 -28.09
N PRO C 96 -15.25 7.06 -29.10
CA PRO C 96 -14.29 7.55 -30.10
C PRO C 96 -13.25 8.51 -29.52
N LYS C 97 -13.51 9.06 -28.35
CA LYS C 97 -12.47 9.90 -27.70
C LYS C 97 -11.87 9.11 -26.54
N THR C 98 -11.83 7.78 -26.60
CA THR C 98 -11.04 7.05 -25.59
C THR C 98 -9.56 7.43 -25.72
N PRO C 99 -8.91 8.05 -24.71
CA PRO C 99 -7.49 8.34 -24.77
C PRO C 99 -6.67 7.13 -24.35
N LYS C 100 -5.36 7.18 -24.59
CA LYS C 100 -4.38 6.23 -24.03
C LYS C 100 -4.57 6.33 -22.52
N TYR C 101 -4.66 5.22 -21.78
CA TYR C 101 -4.99 5.27 -20.35
C TYR C 101 -4.41 4.06 -19.59
N LYS C 102 -4.33 4.17 -18.25
CA LYS C 102 -4.04 3.08 -17.29
C LYS C 102 -4.95 3.17 -16.07
N PHE C 103 -5.11 2.08 -15.31
CA PHE C 103 -5.68 2.14 -13.92
C PHE C 103 -4.56 1.77 -12.97
N VAL C 104 -4.12 2.74 -12.17
CA VAL C 104 -3.14 2.54 -11.06
C VAL C 104 -3.82 2.87 -9.71
N ARG C 105 -3.41 2.11 -8.71
CA ARG C 105 -3.60 2.41 -7.28
C ARG C 105 -2.38 3.22 -6.80
N ILE C 106 -2.65 4.43 -6.34
CA ILE C 106 -1.57 5.37 -5.97
C ILE C 106 -1.15 5.08 -4.53
N GLN C 107 0.01 5.62 -4.16
CA GLN C 107 0.63 5.54 -2.82
C GLN C 107 0.08 6.65 -1.93
N PRO C 108 0.11 6.47 -0.59
CA PRO C 108 -0.21 7.58 0.33
C PRO C 108 0.67 8.83 0.17
N GLY C 109 0.02 9.98 0.06
CA GLY C 109 0.68 11.28 -0.10
C GLY C 109 0.78 11.66 -1.55
N GLN C 110 0.63 10.69 -2.46
CA GLN C 110 0.79 10.97 -3.90
C GLN C 110 -0.35 11.91 -4.24
N THR C 111 -0.39 12.42 -5.47
CA THR C 111 -1.30 13.55 -5.83
C THR C 111 -2.06 13.18 -7.10
N PHE C 112 -3.16 13.87 -7.30
CA PHE C 112 -3.95 13.77 -8.54
C PHE C 112 -4.75 15.03 -8.80
N SER C 113 -5.13 15.20 -10.06
CA SER C 113 -6.10 16.21 -10.51
C SER C 113 -7.47 15.54 -10.50
N VAL C 114 -8.47 16.26 -10.02
CA VAL C 114 -9.87 15.78 -9.99
C VAL C 114 -10.63 16.61 -11.00
N LEU C 115 -11.38 15.97 -11.91
CA LEU C 115 -12.46 16.63 -12.67
C LEU C 115 -13.76 16.42 -11.91
N ALA C 116 -14.25 17.45 -11.24
CA ALA C 116 -15.51 17.41 -10.46
C ALA C 116 -16.71 17.44 -11.40
N CYS C 117 -17.58 16.45 -11.32
CA CYS C 117 -18.67 16.34 -12.31
C CYS C 117 -20.05 16.20 -11.67
N TYR C 118 -21.05 16.86 -12.28
CA TYR C 118 -22.51 16.69 -12.01
C TYR C 118 -23.19 16.42 -13.34
N ASN C 119 -23.85 15.26 -13.41
CA ASN C 119 -24.68 14.73 -14.53
C ASN C 119 -23.82 14.64 -15.79
N GLY C 120 -22.63 14.05 -15.62
CA GLY C 120 -21.71 13.74 -16.72
C GLY C 120 -21.22 14.95 -17.49
N SER C 121 -21.31 16.17 -16.92
CA SER C 121 -20.62 17.37 -17.46
C SER C 121 -19.67 17.93 -16.41
N PRO C 122 -18.42 18.24 -16.78
CA PRO C 122 -17.47 18.79 -15.82
C PRO C 122 -17.92 20.08 -15.11
N SER C 123 -17.69 20.21 -13.81
CA SER C 123 -17.93 21.49 -13.10
C SER C 123 -16.61 22.23 -12.80
N GLY C 124 -15.63 21.54 -12.25
CA GLY C 124 -14.36 22.21 -11.93
C GLY C 124 -13.20 21.28 -12.03
N VAL C 125 -12.03 21.80 -11.71
CA VAL C 125 -10.79 20.98 -11.77
C VAL C 125 -9.82 21.59 -10.77
N TYR C 126 -9.22 20.72 -9.95
CA TYR C 126 -8.40 21.10 -8.79
C TYR C 126 -7.41 19.99 -8.45
N GLN C 127 -6.39 20.36 -7.68
CA GLN C 127 -5.39 19.42 -7.12
C GLN C 127 -5.88 18.92 -5.75
N CYS C 128 -5.97 17.60 -5.57
CA CYS C 128 -6.14 16.89 -4.26
C CYS C 128 -4.85 16.10 -3.99
N ALA C 129 -4.74 15.50 -2.83
CA ALA C 129 -3.70 14.48 -2.59
C ALA C 129 -4.26 13.40 -1.70
N MET C 130 -3.92 12.14 -1.96
CA MET C 130 -4.07 11.05 -0.97
C MET C 130 -3.47 11.47 0.37
N ARG C 131 -4.29 11.74 1.38
CA ARG C 131 -3.75 11.91 2.74
C ARG C 131 -3.14 10.59 3.21
N PRO C 132 -2.18 10.60 4.16
CA PRO C 132 -1.71 9.38 4.79
C PRO C 132 -2.77 8.46 5.39
N ASN C 133 -3.94 8.99 5.76
CA ASN C 133 -5.04 8.18 6.34
C ASN C 133 -6.00 7.74 5.24
N PHE C 134 -5.57 7.81 3.98
CA PHE C 134 -6.35 7.31 2.82
C PHE C 134 -7.59 8.16 2.61
N THR C 135 -7.56 9.42 3.02
CA THR C 135 -8.70 10.34 2.85
C THR C 135 -8.27 11.50 1.96
N ILE C 136 -9.23 12.25 1.44
CA ILE C 136 -9.01 13.28 0.37
C ILE C 136 -9.76 14.55 0.78
N LYS C 137 -9.09 15.66 0.84
CA LYS C 137 -9.71 16.99 1.08
C LYS C 137 -10.12 17.54 -0.27
N GLY C 138 -11.28 17.12 -0.77
CA GLY C 138 -11.76 17.69 -2.04
C GLY C 138 -12.94 18.59 -1.84
N SER C 139 -13.44 19.11 -2.96
CA SER C 139 -14.72 19.86 -3.03
C SER C 139 -15.75 19.02 -3.79
N PHE C 140 -16.61 18.34 -3.06
CA PHE C 140 -17.63 17.46 -3.68
C PHE C 140 -19.01 17.85 -3.15
N LEU C 141 -20.00 17.75 -4.03
CA LEU C 141 -21.43 17.92 -3.69
C LEU C 141 -22.17 16.64 -4.11
N ASN C 142 -23.46 16.54 -3.80
CA ASN C 142 -24.33 15.38 -4.14
C ASN C 142 -24.52 15.34 -5.66
N GLY C 143 -24.30 14.15 -6.27
CA GLY C 143 -24.25 13.97 -7.74
C GLY C 143 -22.81 13.80 -8.17
N SER C 144 -21.86 14.06 -7.29
CA SER C 144 -20.40 14.06 -7.62
C SER C 144 -19.85 12.63 -7.80
N CYS C 145 -20.57 11.59 -7.45
CA CYS C 145 -19.98 10.22 -7.46
C CYS C 145 -19.65 9.80 -8.90
N GLY C 146 -18.52 9.12 -9.08
CA GLY C 146 -18.08 8.65 -10.41
C GLY C 146 -17.16 9.65 -11.09
N SER C 147 -17.05 10.85 -10.52
CA SER C 147 -15.93 11.79 -10.74
C SER C 147 -14.62 11.07 -10.36
N VAL C 148 -13.56 11.33 -11.13
CA VAL C 148 -12.28 10.59 -11.08
C VAL C 148 -11.09 11.53 -10.82
N GLY C 149 -10.04 10.96 -10.20
CA GLY C 149 -8.73 11.60 -10.05
C GLY C 149 -7.72 11.00 -10.99
N PHE C 150 -6.83 11.79 -11.55
CA PHE C 150 -5.92 11.31 -12.61
C PHE C 150 -4.61 12.10 -12.63
N ASN C 151 -3.57 11.46 -13.11
CA ASN C 151 -2.26 12.09 -13.41
C ASN C 151 -1.94 11.70 -14.84
N ILE C 152 -1.15 12.52 -15.52
CA ILE C 152 -0.82 12.32 -16.97
C ILE C 152 0.67 12.05 -17.14
N ASP C 153 1.03 10.97 -17.81
CA ASP C 153 2.43 10.64 -18.15
C ASP C 153 2.57 10.79 -19.65
N TYR C 154 3.19 11.87 -20.12
CA TYR C 154 3.26 12.22 -21.57
C TYR C 154 1.84 12.18 -22.15
N ASP C 155 1.44 11.09 -22.80
CA ASP C 155 0.12 11.00 -23.44
C ASP C 155 -0.56 9.72 -22.97
N CYS C 156 -0.23 9.25 -21.77
CA CYS C 156 -1.10 8.29 -21.04
C CYS C 156 -1.83 9.07 -19.94
N VAL C 157 -3.13 8.89 -19.74
CA VAL C 157 -3.88 9.35 -18.53
C VAL C 157 -3.94 8.18 -17.55
N SER C 158 -3.36 8.26 -16.34
CA SER C 158 -3.48 7.20 -15.31
C SER C 158 -4.65 7.53 -14.37
N PHE C 159 -5.76 6.76 -14.39
CA PHE C 159 -6.90 7.04 -13.46
C PHE C 159 -6.66 6.36 -12.12
N CYS C 160 -6.57 7.15 -11.04
CA CYS C 160 -6.09 6.68 -9.72
C CYS C 160 -7.23 6.64 -8.69
N TYR C 161 -8.28 7.43 -8.88
CA TYR C 161 -9.33 7.71 -7.87
C TYR C 161 -10.71 7.83 -8.49
N MET C 162 -11.71 7.17 -7.93
CA MET C 162 -13.12 7.49 -8.24
C MET C 162 -13.87 7.85 -6.96
N HIS C 163 -14.55 9.01 -6.95
CA HIS C 163 -15.26 9.55 -5.76
C HIS C 163 -16.44 8.68 -5.37
N HIS C 164 -16.54 8.36 -4.08
CA HIS C 164 -17.64 7.52 -3.52
C HIS C 164 -18.38 8.26 -2.40
N MET C 165 -17.69 8.77 -1.39
CA MET C 165 -18.41 9.26 -0.19
C MET C 165 -17.70 10.48 0.43
N GLU C 166 -18.44 11.25 1.23
CA GLU C 166 -17.90 12.35 2.06
C GLU C 166 -18.04 11.93 3.52
N LEU C 167 -16.97 12.06 4.31
CA LEU C 167 -17.01 11.62 5.73
C LEU C 167 -17.71 12.69 6.56
N PRO C 168 -18.02 12.36 7.84
CA PRO C 168 -18.56 13.34 8.79
C PRO C 168 -17.63 14.51 9.08
N THR C 169 -16.33 14.31 8.86
CA THR C 169 -15.31 15.37 8.99
C THR C 169 -15.29 16.31 7.78
N GLY C 170 -16.12 16.13 6.75
CA GLY C 170 -16.18 17.03 5.56
C GLY C 170 -15.34 16.51 4.41
N VAL C 171 -14.50 15.52 4.67
CA VAL C 171 -13.46 15.09 3.71
C VAL C 171 -14.09 14.00 2.88
N HIS C 172 -13.33 13.38 1.98
CA HIS C 172 -13.91 12.43 0.99
C HIS C 172 -13.22 11.07 1.12
N ALA C 173 -13.91 10.03 0.67
CA ALA C 173 -13.38 8.66 0.49
C ALA C 173 -13.70 8.22 -0.93
N GLY C 174 -12.81 7.41 -1.54
CA GLY C 174 -13.03 6.80 -2.85
C GLY C 174 -12.19 5.54 -3.08
N THR C 175 -12.10 5.14 -4.35
CA THR C 175 -11.52 3.84 -4.75
C THR C 175 -10.57 4.01 -5.93
N ASP C 176 -9.70 3.02 -6.11
CA ASP C 176 -8.96 2.83 -7.39
C ASP C 176 -10.01 2.52 -8.44
N LEU C 177 -9.61 2.48 -9.72
CA LEU C 177 -10.58 2.08 -10.76
C LEU C 177 -10.73 0.56 -10.85
N GLU C 178 -10.06 -0.18 -9.96
CA GLU C 178 -10.32 -1.62 -9.67
C GLU C 178 -11.37 -1.78 -8.57
N GLY C 179 -11.96 -0.67 -8.09
CA GLY C 179 -13.16 -0.65 -7.24
C GLY C 179 -12.84 -0.98 -5.80
N ASN C 180 -11.56 -0.89 -5.41
CA ASN C 180 -11.15 -1.17 -4.02
C ASN C 180 -10.88 0.15 -3.31
N PHE C 181 -11.64 0.43 -2.25
CA PHE C 181 -11.50 1.67 -1.48
C PHE C 181 -10.06 1.80 -1.03
N TYR C 182 -9.65 3.05 -0.89
CA TYR C 182 -8.45 3.39 -0.09
C TYR C 182 -8.95 3.56 1.35
N GLY C 183 -8.28 2.91 2.31
CA GLY C 183 -8.61 2.96 3.75
C GLY C 183 -9.77 2.05 4.09
N PRO C 184 -10.48 2.32 5.21
CA PRO C 184 -11.43 1.38 5.81
C PRO C 184 -12.88 1.63 5.42
N PHE C 185 -13.08 2.39 4.36
CA PHE C 185 -14.41 2.91 3.96
C PHE C 185 -15.08 1.89 3.03
N VAL C 186 -16.42 1.95 3.01
CA VAL C 186 -17.33 1.00 2.34
C VAL C 186 -18.46 1.81 1.70
N ASP C 187 -19.31 1.17 0.90
CA ASP C 187 -20.45 1.83 0.22
C ASP C 187 -21.64 1.95 1.18
N ARG C 188 -21.41 1.87 2.49
CA ARG C 188 -22.52 1.93 3.46
C ARG C 188 -22.71 3.40 3.83
N GLN C 189 -23.97 3.79 3.84
CA GLN C 189 -24.47 5.05 4.42
C GLN C 189 -24.41 4.89 5.93
N THR C 190 -23.22 5.10 6.49
CA THR C 190 -22.95 5.22 7.93
C THR C 190 -21.79 6.20 8.11
N ALA C 191 -21.41 6.37 9.38
CA ALA C 191 -20.21 7.10 9.80
C ALA C 191 -19.07 6.09 9.90
N GLN C 192 -17.96 6.45 9.25
CA GLN C 192 -16.69 5.72 9.31
C GLN C 192 -15.59 6.76 9.54
N ALA C 193 -14.89 6.65 10.67
CA ALA C 193 -13.78 7.53 11.03
C ALA C 193 -12.55 7.22 10.16
N ALA C 194 -11.72 8.24 9.97
CA ALA C 194 -10.56 8.19 9.05
C ALA C 194 -9.40 7.50 9.75
N GLY C 195 -9.39 7.54 11.07
CA GLY C 195 -8.12 7.37 11.80
C GLY C 195 -7.51 8.74 11.93
N THR C 196 -6.19 8.84 11.89
CA THR C 196 -5.55 10.11 12.32
C THR C 196 -4.50 10.44 11.26
N ASP C 197 -4.64 11.64 10.68
CA ASP C 197 -3.88 12.10 9.50
C ASP C 197 -2.47 12.51 9.95
N THR C 198 -1.52 12.52 9.04
CA THR C 198 -0.12 12.91 9.32
C THR C 198 0.43 13.72 8.13
N THR C 199 1.45 14.53 8.36
CA THR C 199 1.89 15.55 7.37
C THR C 199 2.87 14.88 6.41
N ILE C 200 2.75 15.18 5.11
CA ILE C 200 3.48 14.41 4.07
C ILE C 200 4.88 15.03 3.93
N THR C 201 5.87 14.44 4.58
CA THR C 201 7.22 15.03 4.76
C THR C 201 7.93 15.28 3.44
N VAL C 202 7.93 14.30 2.54
CA VAL C 202 8.61 14.40 1.22
C VAL C 202 8.05 15.61 0.47
N ASN C 203 6.76 15.85 0.58
CA ASN C 203 6.06 16.89 -0.20
C ASN C 203 6.32 18.24 0.47
N VAL C 204 6.58 18.26 1.77
CA VAL C 204 6.89 19.56 2.42
C VAL C 204 8.29 19.98 1.95
N LEU C 205 9.19 19.04 1.81
CA LEU C 205 10.55 19.29 1.26
C LEU C 205 10.43 19.72 -0.20
N ALA C 206 9.48 19.14 -0.92
CA ALA C 206 9.20 19.49 -2.33
C ALA C 206 8.82 20.97 -2.38
N TRP C 207 7.96 21.41 -1.45
CA TRP C 207 7.43 22.80 -1.36
C TRP C 207 8.52 23.79 -0.87
N LEU C 208 9.50 23.28 -0.12
CA LEU C 208 10.68 24.06 0.28
C LEU C 208 11.64 24.25 -0.90
N TYR C 209 11.89 23.22 -1.67
CA TYR C 209 12.77 23.34 -2.86
C TYR C 209 12.13 24.33 -3.85
N ALA C 210 10.82 24.35 -3.98
CA ALA C 210 10.11 25.28 -4.87
C ALA C 210 10.26 26.71 -4.33
N ALA C 211 10.35 26.86 -3.03
CA ALA C 211 10.53 28.20 -2.44
C ALA C 211 11.91 28.68 -2.87
N VAL C 212 12.89 27.78 -2.82
CA VAL C 212 14.30 28.13 -3.16
C VAL C 212 14.35 28.46 -4.66
N ILE C 213 13.72 27.66 -5.52
CA ILE C 213 13.56 28.03 -6.95
C ILE C 213 13.00 29.45 -6.98
N ASN C 214 12.04 29.77 -6.10
CA ASN C 214 11.32 31.07 -6.14
C ASN C 214 11.91 32.08 -5.17
N GLY C 215 13.24 32.03 -4.99
CA GLY C 215 14.06 33.05 -4.31
C GLY C 215 13.82 33.14 -2.82
N ASP C 216 13.44 32.04 -2.16
CA ASP C 216 13.29 32.02 -0.68
C ASP C 216 14.41 31.18 -0.08
N ARG C 217 15.27 31.80 0.73
CA ARG C 217 16.47 31.10 1.29
C ARG C 217 16.55 31.26 2.81
N TRP C 218 15.57 31.88 3.43
CA TRP C 218 15.69 32.29 4.85
C TRP C 218 15.84 31.08 5.78
N PHE C 219 15.21 29.96 5.44
CA PHE C 219 15.16 28.71 6.25
C PHE C 219 16.41 27.88 5.97
N LEU C 220 17.31 28.39 5.12
CA LEU C 220 18.54 27.67 4.74
C LEU C 220 19.51 27.78 5.91
N ASN C 221 20.08 26.67 6.38
CA ASN C 221 20.92 26.67 7.61
C ASN C 221 22.12 25.74 7.46
N ARG C 222 23.07 25.83 8.41
CA ARG C 222 24.34 25.08 8.40
C ARG C 222 24.33 23.99 9.49
N PHE C 223 23.24 23.86 10.23
CA PHE C 223 23.05 22.71 11.14
C PHE C 223 22.56 21.53 10.29
N THR C 224 22.92 20.31 10.65
CA THR C 224 22.67 19.12 9.80
C THR C 224 22.36 17.89 10.67
N THR C 225 21.82 16.86 10.02
CA THR C 225 21.14 15.71 10.67
C THR C 225 21.27 14.46 9.80
N THR C 226 21.25 13.30 10.43
CA THR C 226 21.12 12.00 9.75
C THR C 226 19.63 11.76 9.50
N LEU C 227 19.33 10.82 8.60
CA LEU C 227 17.95 10.46 8.19
C LEU C 227 17.24 9.73 9.33
N ASN C 228 18.01 9.10 10.22
CA ASN C 228 17.48 8.47 11.46
C ASN C 228 17.02 9.57 12.42
N ASP C 229 17.88 10.54 12.74
CA ASP C 229 17.50 11.61 13.69
C ASP C 229 16.30 12.39 13.10
N PHE C 230 16.37 12.75 11.81
CA PHE C 230 15.29 13.43 11.09
C PHE C 230 13.97 12.72 11.38
N ASN C 231 14.02 11.42 11.20
CA ASN C 231 12.82 10.54 11.29
C ASN C 231 12.44 10.41 12.77
N LEU C 232 13.35 10.61 13.74
CA LEU C 232 12.93 10.61 15.18
C LEU C 232 12.07 11.84 15.45
N VAL C 233 12.55 13.02 15.06
CA VAL C 233 11.81 14.32 15.20
C VAL C 233 10.46 14.20 14.49
N ALA C 234 10.47 13.92 13.18
CA ALA C 234 9.26 13.93 12.33
C ALA C 234 8.21 13.00 12.93
N MET C 235 8.63 11.86 13.48
CA MET C 235 7.72 10.93 14.19
C MET C 235 6.95 11.73 15.26
N LYS C 236 7.69 12.49 16.04
CA LYS C 236 7.17 13.13 17.28
C LYS C 236 6.30 14.34 16.92
N TYR C 237 6.28 14.77 15.65
CA TYR C 237 5.51 15.94 15.14
C TYR C 237 4.37 15.53 14.20
N ASN C 238 4.01 14.25 14.14
CA ASN C 238 2.93 13.69 13.26
C ASN C 238 3.30 14.06 11.83
N TYR C 239 4.57 13.88 11.51
CA TYR C 239 5.10 13.91 10.13
C TYR C 239 5.45 12.48 9.73
N GLU C 240 5.02 12.06 8.54
CA GLU C 240 5.23 10.68 7.99
C GLU C 240 6.73 10.42 7.84
N PRO C 241 7.23 9.18 8.05
CA PRO C 241 8.66 8.92 8.06
C PRO C 241 9.30 8.94 6.66
N LEU C 242 10.51 9.52 6.56
CA LEU C 242 11.15 9.87 5.25
C LEU C 242 12.11 8.76 4.80
N THR C 243 12.12 8.40 3.52
CA THR C 243 12.83 7.20 3.05
C THR C 243 13.97 7.54 2.11
N GLN C 244 14.94 6.63 1.99
CA GLN C 244 15.98 6.69 0.95
C GLN C 244 15.33 6.80 -0.42
N ASP C 245 14.19 6.13 -0.59
CA ASP C 245 13.37 6.19 -1.82
C ASP C 245 12.99 7.66 -2.12
N HIS C 246 12.50 8.36 -1.08
CA HIS C 246 12.09 9.80 -1.10
C HIS C 246 13.31 10.66 -1.40
N VAL C 247 14.39 10.41 -0.64
CA VAL C 247 15.66 11.20 -0.76
C VAL C 247 16.05 11.20 -2.23
N ASP C 248 16.01 10.02 -2.85
CA ASP C 248 16.53 9.78 -4.22
C ASP C 248 15.62 10.50 -5.22
N ILE C 249 14.30 10.42 -5.00
CA ILE C 249 13.32 11.07 -5.90
C ILE C 249 13.49 12.60 -5.78
N LEU C 250 13.94 13.12 -4.63
CA LEU C 250 14.27 14.57 -4.45
C LEU C 250 15.66 14.91 -5.00
N GLY C 251 16.32 14.01 -5.72
CA GLY C 251 17.51 14.38 -6.49
C GLY C 251 17.25 15.56 -7.43
N PRO C 252 16.34 15.48 -8.42
CA PRO C 252 16.21 16.52 -9.44
C PRO C 252 16.15 17.94 -8.87
N LEU C 253 15.28 18.14 -7.89
CA LEU C 253 15.05 19.48 -7.28
C LEU C 253 16.29 19.89 -6.47
N SER C 254 17.00 18.91 -5.90
CA SER C 254 18.30 19.14 -5.24
C SER C 254 19.28 19.65 -6.28
N ALA C 255 19.38 18.96 -7.39
CA ALA C 255 20.36 19.25 -8.47
C ALA C 255 20.14 20.64 -9.05
N GLN C 256 18.87 21.04 -9.19
CA GLN C 256 18.47 22.31 -9.85
C GLN C 256 18.79 23.47 -8.90
N THR C 257 18.62 23.31 -7.58
CA THR C 257 18.85 24.38 -6.57
C THR C 257 20.25 24.31 -5.98
N GLY C 258 20.91 23.16 -6.10
CA GLY C 258 22.20 22.94 -5.42
C GLY C 258 22.07 22.94 -3.90
N ILE C 259 20.90 22.63 -3.35
CA ILE C 259 20.75 22.33 -1.91
C ILE C 259 20.76 20.80 -1.76
N ALA C 260 21.82 20.27 -1.16
CA ALA C 260 21.89 18.88 -0.69
C ALA C 260 20.62 18.54 0.11
N VAL C 261 19.97 17.40 -0.18
CA VAL C 261 18.63 16.99 0.38
C VAL C 261 18.72 16.93 1.91
N LEU C 262 19.85 16.47 2.46
CA LEU C 262 19.96 16.27 3.92
C LEU C 262 20.16 17.64 4.58
N ASP C 263 20.67 18.63 3.82
CA ASP C 263 20.79 20.01 4.34
C ASP C 263 19.37 20.55 4.48
N MET C 264 18.45 20.17 3.58
CA MET C 264 17.06 20.69 3.58
C MET C 264 16.25 19.98 4.66
N CYS C 265 16.47 18.70 4.86
CA CYS C 265 15.91 17.94 6.00
C CYS C 265 16.23 18.67 7.31
N ALA C 266 17.47 19.14 7.41
CA ALA C 266 18.01 19.88 8.57
C ALA C 266 17.21 21.17 8.79
N SER C 267 16.83 21.87 7.71
CA SER C 267 16.05 23.13 7.70
C SER C 267 14.58 22.87 8.05
N LEU C 268 13.98 21.83 7.49
CA LEU C 268 12.60 21.45 7.85
C LEU C 268 12.58 21.11 9.34
N LYS C 269 13.59 20.39 9.79
CA LYS C 269 13.63 19.83 11.16
C LYS C 269 13.55 21.00 12.13
N GLU C 270 14.38 22.02 11.90
CA GLU C 270 14.33 23.23 12.74
C GLU C 270 12.98 23.96 12.57
N LEU C 271 12.33 23.92 11.42
CA LEU C 271 11.02 24.60 11.24
C LEU C 271 9.96 23.96 12.12
N LEU C 272 10.09 22.67 12.42
CA LEU C 272 9.15 21.98 13.34
C LEU C 272 9.41 22.45 14.77
N GLN C 273 10.68 22.51 15.17
CA GLN C 273 11.09 22.67 16.59
C GLN C 273 11.15 24.14 16.94
N ASN C 274 11.93 24.87 16.16
CA ASN C 274 12.14 26.30 16.41
C ASN C 274 10.93 27.06 15.85
N GLY C 275 10.12 26.46 14.97
CA GLY C 275 8.96 27.16 14.40
C GLY C 275 9.33 28.10 13.25
N MET C 276 8.34 28.71 12.62
CA MET C 276 8.53 29.49 11.37
C MET C 276 8.75 30.96 11.70
N ASN C 277 8.84 31.31 13.00
CA ASN C 277 9.13 32.67 13.55
C ASN C 277 8.19 33.65 12.82
N GLY C 278 6.94 33.22 12.60
CA GLY C 278 5.81 34.08 12.21
C GLY C 278 6.04 34.69 10.84
N ARG C 279 6.79 33.99 10.00
CA ARG C 279 7.12 34.35 8.60
C ARG C 279 6.25 33.60 7.58
N THR C 280 6.48 33.89 6.29
CA THR C 280 5.71 33.39 5.14
C THR C 280 6.66 32.70 4.17
N ILE C 281 6.24 31.60 3.57
CA ILE C 281 7.00 30.90 2.49
C ILE C 281 6.09 30.82 1.27
N LEU C 282 6.52 31.46 0.17
CA LEU C 282 5.72 31.62 -1.08
C LEU C 282 4.31 32.11 -0.73
N GLY C 283 4.18 33.17 0.06
CA GLY C 283 2.89 33.74 0.49
C GLY C 283 1.97 32.78 1.26
N SER C 284 2.53 31.87 2.06
CA SER C 284 1.81 30.88 2.91
C SER C 284 2.42 30.93 4.30
N ALA C 285 1.62 30.87 5.36
CA ALA C 285 2.11 31.04 6.75
C ALA C 285 2.20 29.68 7.43
N LEU C 286 1.66 28.66 6.77
CA LEU C 286 1.75 27.25 7.18
C LEU C 286 2.56 26.48 6.15
N LEU C 287 3.26 25.44 6.60
CA LEU C 287 4.01 24.52 5.73
C LEU C 287 3.00 23.76 4.88
N GLU C 288 3.37 23.37 3.66
CA GLU C 288 2.47 22.78 2.65
C GLU C 288 2.97 21.38 2.26
N ASP C 289 2.08 20.42 1.99
CA ASP C 289 2.50 19.01 1.79
C ASP C 289 1.73 18.40 0.64
N GLU C 290 1.13 19.23 -0.23
CA GLU C 290 0.19 18.69 -1.25
C GLU C 290 0.78 18.95 -2.64
N PHE C 291 2.06 19.31 -2.70
CA PHE C 291 2.86 19.28 -3.95
C PHE C 291 3.81 18.09 -3.89
N THR C 292 3.74 17.18 -4.87
CA THR C 292 4.72 16.07 -5.07
C THR C 292 6.00 16.69 -5.63
N PRO C 293 7.19 16.07 -5.43
CA PRO C 293 8.37 16.42 -6.22
C PRO C 293 8.08 16.54 -7.72
N PHE C 294 7.34 15.60 -8.27
CA PHE C 294 6.99 15.60 -9.71
C PHE C 294 6.22 16.90 -10.05
N ASP C 295 5.32 17.31 -9.17
CA ASP C 295 4.52 18.56 -9.31
C ASP C 295 5.41 19.80 -9.32
N VAL C 296 6.48 19.74 -8.53
CA VAL C 296 7.40 20.90 -8.41
C VAL C 296 8.08 21.02 -9.77
N VAL C 297 8.67 19.91 -10.22
CA VAL C 297 9.39 19.81 -11.53
C VAL C 297 8.40 20.27 -12.59
N ARG C 298 7.22 19.68 -12.57
CA ARG C 298 6.18 19.89 -13.60
C ARG C 298 5.98 21.39 -13.80
N GLN C 299 5.85 22.12 -12.69
CA GLN C 299 5.47 23.56 -12.63
C GLN C 299 6.69 24.46 -12.85
N CYS C 300 7.87 24.09 -12.38
CA CYS C 300 9.06 24.96 -12.45
C CYS C 300 9.83 24.78 -13.76
N SER C 301 9.52 23.75 -14.55
CA SER C 301 10.13 23.50 -15.90
C SER C 301 9.05 23.29 -16.97
N GLY C 302 7.75 23.35 -16.61
CA GLY C 302 6.59 23.20 -17.50
C GLY C 302 6.74 22.07 -18.49
N VAL C 303 6.62 20.82 -18.01
CA VAL C 303 6.84 19.53 -18.76
C VAL C 303 6.06 19.46 -20.10
N THR C 304 4.73 19.67 -20.13
CA THR C 304 3.89 19.45 -21.36
C THR C 304 3.30 20.79 -21.82
N SER D 1 -19.24 19.56 0.06
CA SER D 1 -18.27 20.19 1.04
C SER D 1 -16.83 20.08 0.53
N GLY D 2 -15.96 20.96 1.01
CA GLY D 2 -14.62 21.21 0.45
C GLY D 2 -14.55 22.59 -0.17
N PHE D 3 -13.45 23.32 0.09
CA PHE D 3 -13.09 24.52 -0.71
C PHE D 3 -11.66 24.43 -1.24
N ARG D 4 -11.56 24.24 -2.55
CA ARG D 4 -10.28 24.19 -3.31
C ARG D 4 -10.22 25.36 -4.29
N LYS D 5 -9.06 25.61 -4.88
CA LYS D 5 -8.89 26.58 -6.00
C LYS D 5 -9.40 25.92 -7.26
N MET D 6 -10.70 25.95 -7.50
CA MET D 6 -11.31 25.14 -8.58
C MET D 6 -11.42 25.94 -9.88
N ALA D 7 -10.59 25.58 -10.87
CA ALA D 7 -10.55 26.17 -12.22
C ALA D 7 -11.64 25.55 -13.08
N PHE D 8 -12.04 26.25 -14.13
CA PHE D 8 -12.99 25.75 -15.16
C PHE D 8 -12.40 24.50 -15.83
N PRO D 9 -13.23 23.64 -16.43
CA PRO D 9 -12.68 22.57 -17.26
C PRO D 9 -12.10 23.24 -18.51
N SER D 10 -11.03 22.65 -19.04
CA SER D 10 -10.02 23.30 -19.91
C SER D 10 -10.07 22.73 -21.31
N GLY D 11 -10.97 21.76 -21.53
CA GLY D 11 -11.02 21.04 -22.82
C GLY D 11 -11.21 22.02 -23.96
N LYS D 12 -12.01 23.05 -23.76
CA LYS D 12 -12.50 23.86 -24.90
C LYS D 12 -11.37 24.74 -25.41
N VAL D 13 -10.49 25.19 -24.51
CA VAL D 13 -9.45 26.22 -24.78
C VAL D 13 -8.21 25.53 -25.37
N GLU D 14 -7.97 24.28 -24.96
CA GLU D 14 -6.80 23.46 -25.37
C GLU D 14 -6.70 23.45 -26.89
N GLY D 15 -7.82 23.16 -27.57
CA GLY D 15 -7.92 23.16 -29.04
C GLY D 15 -8.10 24.55 -29.65
N CYS D 16 -7.47 25.59 -29.09
CA CYS D 16 -7.21 26.89 -29.78
C CYS D 16 -5.74 27.28 -29.67
N MET D 17 -4.94 26.52 -28.90
CA MET D 17 -3.57 26.97 -28.52
C MET D 17 -2.57 26.45 -29.56
N VAL D 18 -1.78 27.37 -30.13
CA VAL D 18 -0.79 27.06 -31.18
C VAL D 18 0.53 27.70 -30.78
N GLN D 19 1.59 27.31 -31.50
CA GLN D 19 2.91 27.96 -31.41
C GLN D 19 2.98 29.00 -32.51
N VAL D 20 3.51 30.18 -32.21
CA VAL D 20 3.91 31.18 -33.23
C VAL D 20 5.42 31.37 -33.09
N THR D 21 6.12 31.42 -34.22
CA THR D 21 7.57 31.65 -34.28
C THR D 21 7.86 32.67 -35.37
N CYS D 22 8.56 33.74 -35.00
CA CYS D 22 9.01 34.78 -35.95
C CYS D 22 10.50 35.00 -35.71
N GLY D 23 11.33 34.77 -36.72
CA GLY D 23 12.75 34.56 -36.46
C GLY D 23 12.91 33.54 -35.34
N THR D 24 13.58 33.90 -34.25
CA THR D 24 13.96 32.98 -33.15
C THR D 24 12.97 33.09 -31.99
N THR D 25 12.02 34.02 -32.10
CA THR D 25 11.07 34.36 -31.02
C THR D 25 9.84 33.49 -31.17
N THR D 26 9.66 32.55 -30.24
CA THR D 26 8.57 31.57 -30.21
C THR D 26 7.75 31.88 -28.97
N LEU D 27 6.43 31.95 -29.14
CA LEU D 27 5.48 32.10 -28.02
C LEU D 27 4.18 31.46 -28.46
N ASN D 28 3.23 31.40 -27.53
CA ASN D 28 1.93 30.72 -27.73
C ASN D 28 1.01 31.66 -28.52
N GLY D 29 0.03 31.11 -29.21
CA GLY D 29 -0.96 31.86 -30.00
C GLY D 29 -2.33 31.26 -29.78
N LEU D 30 -3.39 32.07 -29.74
CA LEU D 30 -4.77 31.54 -29.63
C LEU D 30 -5.39 31.58 -31.03
N TRP D 31 -5.76 30.43 -31.60
CA TRP D 31 -6.38 30.39 -32.94
C TRP D 31 -7.89 30.11 -32.83
N LEU D 32 -8.68 31.15 -33.04
CA LEU D 32 -10.15 31.08 -33.06
C LEU D 32 -10.59 31.54 -34.44
N ASP D 33 -11.54 30.86 -35.06
CA ASP D 33 -11.88 31.06 -36.49
C ASP D 33 -10.57 31.17 -37.30
N ASP D 34 -10.45 32.10 -38.24
CA ASP D 34 -9.44 32.02 -39.34
C ASP D 34 -8.26 32.99 -39.07
N VAL D 35 -7.85 33.09 -37.80
CA VAL D 35 -7.04 34.21 -37.24
C VAL D 35 -6.28 33.69 -36.01
N VAL D 36 -5.01 34.06 -35.87
CA VAL D 36 -4.15 33.66 -34.71
C VAL D 36 -3.72 34.92 -33.97
N TYR D 37 -4.17 35.04 -32.72
CA TYR D 37 -3.87 36.17 -31.83
C TYR D 37 -2.64 35.81 -30.97
N CYS D 38 -1.61 36.66 -30.99
CA CYS D 38 -0.41 36.44 -30.13
C CYS D 38 0.14 37.79 -29.68
N PRO D 39 0.94 37.80 -28.57
CA PRO D 39 1.63 39.01 -28.13
C PRO D 39 2.43 39.59 -29.29
N ARG D 40 2.59 40.91 -29.35
CA ARG D 40 3.15 41.52 -30.59
C ARG D 40 4.68 41.51 -30.50
N HIS D 41 5.26 41.28 -29.33
CA HIS D 41 6.73 41.35 -29.18
C HIS D 41 7.42 40.15 -29.85
N VAL D 42 6.65 39.22 -30.41
CA VAL D 42 7.21 38.00 -31.06
C VAL D 42 8.08 38.42 -32.25
N ILE D 43 7.70 39.50 -32.93
CA ILE D 43 8.43 40.04 -34.11
C ILE D 43 9.79 40.58 -33.64
N CYS D 44 9.87 41.08 -32.42
CA CYS D 44 11.10 41.70 -31.87
C CYS D 44 12.19 40.65 -31.69
N THR D 45 13.44 41.07 -31.91
CA THR D 45 14.68 40.32 -31.60
C THR D 45 15.02 40.66 -30.15
N SER D 46 15.54 39.74 -29.37
CA SER D 46 15.83 39.99 -27.92
C SER D 46 16.53 41.33 -27.79
N GLU D 47 17.56 41.58 -28.62
CA GLU D 47 18.16 42.92 -28.81
C GLU D 47 17.06 43.98 -28.94
N ASP D 48 16.11 43.75 -29.85
CA ASP D 48 15.06 44.72 -30.24
C ASP D 48 14.02 44.87 -29.14
N MET D 49 14.11 44.07 -28.06
CA MET D 49 13.09 43.99 -26.99
C MET D 49 13.35 45.03 -25.90
N LEU D 50 14.57 45.60 -25.85
CA LEU D 50 14.91 46.71 -24.91
C LEU D 50 14.13 47.99 -25.29
N ASN D 51 14.34 48.57 -26.48
CA ASN D 51 13.71 49.86 -26.88
C ASN D 51 13.16 49.76 -28.29
N PRO D 52 11.96 49.15 -28.49
CA PRO D 52 11.46 48.84 -29.82
C PRO D 52 10.55 49.97 -30.30
N ASN D 53 10.61 50.28 -31.60
CA ASN D 53 9.54 50.96 -32.34
C ASN D 53 8.80 49.86 -33.08
N TYR D 54 7.78 49.30 -32.46
CA TYR D 54 6.93 48.25 -33.09
C TYR D 54 6.39 48.77 -34.42
N GLU D 55 6.13 50.07 -34.57
CA GLU D 55 5.59 50.63 -35.84
C GLU D 55 6.56 50.24 -36.94
N ASP D 56 7.79 50.77 -36.90
CA ASP D 56 8.81 50.58 -37.97
C ASP D 56 9.09 49.08 -38.10
N LEU D 57 9.07 48.35 -37.00
CA LEU D 57 9.39 46.90 -37.02
C LEU D 57 8.43 46.18 -37.98
N LEU D 58 7.23 46.73 -38.22
CA LEU D 58 6.30 46.10 -39.19
C LEU D 58 6.20 46.94 -40.47
N ILE D 59 6.89 48.10 -40.56
CA ILE D 59 7.03 48.85 -41.84
C ILE D 59 8.17 48.22 -42.63
N ARG D 60 9.28 47.88 -41.98
CA ARG D 60 10.33 47.04 -42.59
C ARG D 60 9.77 45.62 -42.69
N LYS D 61 10.59 44.66 -43.11
CA LYS D 61 10.25 43.21 -42.99
C LYS D 61 9.71 43.00 -41.57
N SER D 62 8.71 42.13 -41.44
CA SER D 62 8.03 41.81 -40.17
C SER D 62 9.07 41.46 -39.10
N ASN D 63 9.98 40.54 -39.45
CA ASN D 63 11.16 40.13 -38.65
C ASN D 63 11.88 39.08 -39.50
N HIS D 64 11.38 37.84 -39.53
CA HIS D 64 11.80 36.79 -40.49
C HIS D 64 10.61 35.93 -40.90
N ASN D 65 9.38 36.46 -40.80
CA ASN D 65 8.16 35.76 -41.27
C ASN D 65 7.68 34.81 -40.17
N PHE D 66 6.35 34.68 -40.07
CA PHE D 66 5.66 33.99 -38.95
C PHE D 66 5.24 32.60 -39.39
N LEU D 67 5.62 31.62 -38.57
CA LEU D 67 5.22 30.22 -38.78
C LEU D 67 4.34 29.82 -37.61
N VAL D 68 3.08 29.51 -37.90
CA VAL D 68 2.16 28.95 -36.89
C VAL D 68 2.14 27.43 -37.10
N GLN D 69 2.40 26.72 -36.01
CA GLN D 69 2.40 25.24 -35.93
C GLN D 69 1.22 24.79 -35.09
N ALA D 70 0.23 24.17 -35.72
CA ALA D 70 -0.92 23.53 -35.06
C ALA D 70 -0.64 22.03 -34.98
N GLY D 71 -0.68 21.46 -33.78
CA GLY D 71 -0.17 20.11 -33.51
C GLY D 71 0.64 19.64 -34.71
N ASN D 72 -0.04 19.03 -35.68
CA ASN D 72 0.60 18.42 -36.89
C ASN D 72 0.24 19.19 -38.17
N VAL D 73 -0.22 20.44 -38.11
CA VAL D 73 -0.67 21.17 -39.32
C VAL D 73 -0.09 22.58 -39.34
N GLN D 74 0.81 22.86 -40.28
CA GLN D 74 1.36 24.22 -40.46
C GLN D 74 0.20 25.10 -40.96
N LEU D 75 0.01 26.28 -40.39
CA LEU D 75 -0.88 27.29 -40.99
C LEU D 75 0.00 28.22 -41.82
N ARG D 76 -0.47 28.57 -43.03
CA ARG D 76 0.09 29.63 -43.90
C ARG D 76 -0.26 30.98 -43.30
N VAL D 77 0.75 31.82 -43.15
CA VAL D 77 0.59 33.24 -42.74
C VAL D 77 0.61 34.11 -44.01
N ILE D 78 -0.58 34.27 -44.58
CA ILE D 78 -0.86 35.15 -45.76
C ILE D 78 -0.82 36.60 -45.28
N GLY D 79 -1.20 36.84 -44.03
CA GLY D 79 -1.55 38.18 -43.54
C GLY D 79 -1.19 38.40 -42.08
N HIS D 80 -1.13 39.66 -41.68
CA HIS D 80 -0.91 40.10 -40.28
C HIS D 80 -1.72 41.36 -40.04
N SER D 81 -2.14 41.60 -38.79
CA SER D 81 -2.70 42.90 -38.33
C SER D 81 -2.37 43.09 -36.85
N MET D 82 -1.78 44.23 -36.50
CA MET D 82 -1.24 44.49 -35.14
C MET D 82 -2.20 45.40 -34.38
N GLN D 83 -2.88 44.84 -33.37
CA GLN D 83 -3.91 45.54 -32.58
C GLN D 83 -3.33 45.86 -31.21
N ASN D 84 -3.00 47.13 -30.98
CA ASN D 84 -2.45 47.59 -29.68
C ASN D 84 -1.18 46.77 -29.42
N CYS D 85 -1.16 45.83 -28.48
CA CYS D 85 0.08 45.11 -28.12
C CYS D 85 0.00 43.66 -28.59
N VAL D 86 -1.07 43.30 -29.28
CA VAL D 86 -1.28 41.91 -29.76
C VAL D 86 -1.23 41.88 -31.28
N LEU D 87 -0.65 40.80 -31.80
CA LEU D 87 -0.58 40.51 -33.24
C LEU D 87 -1.78 39.65 -33.62
N LYS D 88 -2.40 40.02 -34.75
CA LYS D 88 -3.38 39.22 -35.51
C LYS D 88 -2.63 38.63 -36.72
N LEU D 89 -2.57 37.31 -36.76
CA LEU D 89 -2.06 36.56 -37.94
C LEU D 89 -3.24 35.93 -38.66
N LYS D 90 -3.50 36.39 -39.88
CA LYS D 90 -4.44 35.73 -40.81
C LYS D 90 -3.86 34.37 -41.17
N VAL D 91 -4.69 33.34 -41.20
CA VAL D 91 -4.21 31.96 -41.51
C VAL D 91 -5.12 31.34 -42.57
N ASP D 92 -4.51 30.44 -43.37
CA ASP D 92 -5.07 29.84 -44.60
C ASP D 92 -6.07 28.74 -44.24
N THR D 93 -5.91 28.10 -43.09
CA THR D 93 -6.81 27.00 -42.66
C THR D 93 -7.48 27.34 -41.32
N ALA D 94 -8.80 27.09 -41.21
CA ALA D 94 -9.64 27.47 -40.04
C ALA D 94 -9.48 26.50 -38.87
N ASN D 95 -9.85 26.93 -37.66
CA ASN D 95 -9.95 26.07 -36.45
C ASN D 95 -11.32 25.42 -36.36
N PRO D 96 -11.40 24.07 -36.55
CA PRO D 96 -12.65 23.31 -36.41
C PRO D 96 -13.14 23.11 -34.97
N LYS D 97 -12.29 23.46 -34.01
CA LYS D 97 -12.58 23.27 -32.56
C LYS D 97 -12.90 24.61 -31.90
N THR D 98 -12.58 25.74 -32.54
CA THR D 98 -13.01 27.09 -32.10
C THR D 98 -14.40 27.00 -31.48
N PRO D 99 -14.60 27.33 -30.17
CA PRO D 99 -15.93 27.22 -29.59
C PRO D 99 -16.64 28.54 -29.89
N LYS D 100 -17.85 28.72 -29.35
CA LYS D 100 -18.52 30.05 -29.27
C LYS D 100 -17.71 30.90 -28.29
N TYR D 101 -17.24 32.09 -28.68
CA TYR D 101 -16.26 32.84 -27.86
C TYR D 101 -16.58 34.35 -27.82
N LYS D 102 -16.15 35.01 -26.75
CA LYS D 102 -16.11 36.50 -26.60
C LYS D 102 -14.71 36.90 -26.14
N PHE D 103 -14.32 38.16 -26.38
CA PHE D 103 -13.06 38.76 -25.89
C PHE D 103 -13.45 39.88 -24.94
N VAL D 104 -13.20 39.68 -23.64
CA VAL D 104 -13.78 40.58 -22.59
C VAL D 104 -12.64 41.23 -21.80
N ARG D 105 -12.89 42.48 -21.39
CA ARG D 105 -12.09 43.22 -20.38
C ARG D 105 -12.66 42.99 -18.98
N ILE D 106 -11.95 42.23 -18.15
CA ILE D 106 -12.36 41.98 -16.75
C ILE D 106 -11.92 43.17 -15.89
N GLN D 107 -12.72 43.44 -14.83
CA GLN D 107 -12.46 44.45 -13.77
C GLN D 107 -11.50 43.86 -12.73
N PRO D 108 -10.59 44.66 -12.16
CA PRO D 108 -9.83 44.23 -10.99
C PRO D 108 -10.74 43.64 -9.91
N GLY D 109 -10.26 42.60 -9.24
CA GLY D 109 -11.07 41.86 -8.26
C GLY D 109 -11.67 40.62 -8.87
N GLN D 110 -11.71 40.55 -10.21
CA GLN D 110 -12.30 39.42 -10.96
C GLN D 110 -11.33 38.24 -10.99
N THR D 111 -11.80 37.03 -10.75
CA THR D 111 -10.95 35.83 -10.90
C THR D 111 -11.20 35.21 -12.28
N PHE D 112 -10.22 34.47 -12.78
CA PHE D 112 -10.31 33.83 -14.11
C PHE D 112 -9.34 32.66 -14.14
N SER D 113 -9.63 31.67 -14.99
CA SER D 113 -8.80 30.47 -15.13
C SER D 113 -7.66 30.83 -16.06
N VAL D 114 -6.48 30.35 -15.73
CA VAL D 114 -5.33 30.37 -16.65
C VAL D 114 -5.06 28.96 -17.16
N LEU D 115 -4.82 28.84 -18.48
CA LEU D 115 -4.18 27.67 -19.14
C LEU D 115 -2.72 28.03 -19.46
N ALA D 116 -1.79 27.37 -18.78
CA ALA D 116 -0.36 27.71 -18.93
C ALA D 116 0.21 26.80 -20.01
N CYS D 117 0.67 27.36 -21.12
CA CYS D 117 1.04 26.58 -22.32
C CYS D 117 2.49 26.88 -22.76
N TYR D 118 3.16 25.88 -23.34
CA TYR D 118 4.56 25.96 -23.83
C TYR D 118 4.59 25.31 -25.21
N ASN D 119 4.78 26.13 -26.26
CA ASN D 119 4.74 25.74 -27.70
C ASN D 119 3.39 25.11 -28.04
N GLY D 120 2.31 25.86 -27.83
CA GLY D 120 0.93 25.48 -28.19
C GLY D 120 0.43 24.24 -27.47
N SER D 121 1.10 23.81 -26.39
CA SER D 121 0.76 22.61 -25.59
C SER D 121 0.59 22.99 -24.12
N PRO D 122 -0.49 22.53 -23.46
CA PRO D 122 -0.83 23.00 -22.10
C PRO D 122 -0.08 22.28 -20.99
N SER D 123 0.57 23.02 -20.09
CA SER D 123 1.22 22.41 -18.89
C SER D 123 0.19 22.13 -17.80
N GLY D 124 -0.73 23.06 -17.58
CA GLY D 124 -1.60 23.05 -16.39
C GLY D 124 -2.56 24.22 -16.41
N VAL D 125 -3.67 24.06 -15.69
CA VAL D 125 -4.64 25.13 -15.34
C VAL D 125 -4.48 25.50 -13.86
N TYR D 126 -4.77 26.77 -13.57
CA TYR D 126 -4.91 27.31 -12.19
C TYR D 126 -5.82 28.53 -12.26
N GLN D 127 -6.15 29.05 -11.08
CA GLN D 127 -7.06 30.20 -10.96
C GLN D 127 -6.21 31.38 -10.47
N CYS D 128 -6.49 32.57 -11.00
CA CYS D 128 -5.83 33.84 -10.66
C CYS D 128 -6.84 34.97 -10.51
N ALA D 129 -6.57 35.95 -9.66
CA ALA D 129 -7.44 37.15 -9.53
C ALA D 129 -6.70 38.38 -10.03
N MET D 130 -7.30 39.14 -10.96
CA MET D 130 -6.80 40.45 -11.43
C MET D 130 -6.68 41.43 -10.25
N ARG D 131 -5.46 41.79 -9.89
CA ARG D 131 -5.24 42.56 -8.64
C ARG D 131 -5.63 44.02 -8.92
N PRO D 132 -5.72 44.88 -7.86
CA PRO D 132 -5.88 46.32 -8.05
C PRO D 132 -4.70 47.00 -8.76
N ASN D 133 -3.49 46.49 -8.56
CA ASN D 133 -2.29 47.08 -9.23
C ASN D 133 -2.18 46.53 -10.65
N PHE D 134 -3.18 45.79 -11.12
CA PHE D 134 -3.27 45.28 -12.52
C PHE D 134 -2.16 44.27 -12.77
N THR D 135 -1.81 43.57 -11.68
CA THR D 135 -0.89 42.43 -11.71
C THR D 135 -1.71 41.21 -11.29
N ILE D 136 -1.16 40.03 -11.51
CA ILE D 136 -1.73 38.77 -10.98
C ILE D 136 -0.58 38.03 -10.32
N LYS D 137 -0.87 37.16 -9.38
CA LYS D 137 0.17 36.27 -8.78
C LYS D 137 0.01 34.88 -9.35
N GLY D 138 0.94 34.39 -10.17
CA GLY D 138 0.83 33.04 -10.75
C GLY D 138 2.15 32.36 -11.06
N SER D 139 2.05 31.18 -11.69
CA SER D 139 3.16 30.33 -12.19
C SER D 139 3.27 30.47 -13.71
N PHE D 140 4.22 31.28 -14.13
CA PHE D 140 4.53 31.46 -15.58
C PHE D 140 6.04 31.41 -15.68
N LEU D 141 6.53 30.79 -16.73
CA LEU D 141 7.96 30.70 -17.01
C LEU D 141 8.21 31.45 -18.31
N ASN D 142 9.46 31.42 -18.78
CA ASN D 142 9.81 31.83 -20.16
C ASN D 142 9.17 30.84 -21.15
N GLY D 143 8.50 31.35 -22.19
CA GLY D 143 7.81 30.57 -23.23
C GLY D 143 6.32 30.40 -22.96
N SER D 144 5.87 30.94 -21.85
CA SER D 144 4.46 30.92 -21.44
C SER D 144 3.72 32.11 -22.03
N CYS D 145 4.45 33.05 -22.64
CA CYS D 145 3.87 34.25 -23.29
C CYS D 145 2.81 33.79 -24.30
N GLY D 146 1.58 34.26 -24.17
CA GLY D 146 0.50 34.03 -25.14
C GLY D 146 -0.52 33.10 -24.54
N SER D 147 -0.17 32.42 -23.45
CA SER D 147 -1.13 31.68 -22.61
C SER D 147 -2.31 32.61 -22.23
N VAL D 148 -3.50 32.07 -22.00
CA VAL D 148 -4.73 32.91 -21.91
C VAL D 148 -5.36 32.80 -20.52
N GLY D 149 -6.23 33.74 -20.22
CA GLY D 149 -7.13 33.64 -19.07
C GLY D 149 -8.57 33.73 -19.52
N PHE D 150 -9.47 33.02 -18.88
CA PHE D 150 -10.85 32.93 -19.41
C PHE D 150 -11.82 32.46 -18.35
N ASN D 151 -13.08 32.83 -18.51
CA ASN D 151 -14.23 32.31 -17.74
C ASN D 151 -15.21 31.70 -18.74
N ILE D 152 -15.96 30.70 -18.28
CA ILE D 152 -16.96 29.95 -19.06
C ILE D 152 -18.31 30.18 -18.40
N ASP D 153 -19.32 30.67 -19.11
CA ASP D 153 -20.69 30.84 -18.56
C ASP D 153 -21.65 30.04 -19.46
N TYR D 154 -21.81 28.74 -19.16
CA TYR D 154 -22.37 27.63 -19.98
C TYR D 154 -21.55 27.34 -21.24
N ASP D 155 -21.96 27.89 -22.40
CA ASP D 155 -21.51 27.46 -23.76
C ASP D 155 -20.36 28.39 -24.25
N CYS D 156 -20.21 29.56 -23.62
CA CYS D 156 -19.32 30.66 -24.11
C CYS D 156 -18.03 30.74 -23.29
N VAL D 157 -16.89 30.55 -23.94
CA VAL D 157 -15.56 30.90 -23.37
C VAL D 157 -15.36 32.41 -23.57
N SER D 158 -15.28 33.14 -22.47
CA SER D 158 -15.07 34.60 -22.44
C SER D 158 -13.58 34.86 -22.09
N PHE D 159 -12.79 35.12 -23.12
CA PHE D 159 -11.34 35.35 -23.03
C PHE D 159 -11.13 36.74 -22.48
N CYS D 160 -10.37 36.86 -21.39
CA CYS D 160 -10.17 38.14 -20.68
C CYS D 160 -8.68 38.55 -20.65
N TYR D 161 -7.76 37.62 -20.93
CA TYR D 161 -6.32 37.78 -20.63
C TYR D 161 -5.47 37.08 -21.67
N MET D 162 -4.39 37.74 -22.08
CA MET D 162 -3.23 37.04 -22.69
C MET D 162 -1.97 37.51 -21.96
N HIS D 163 -1.14 36.57 -21.49
CA HIS D 163 0.07 36.86 -20.66
C HIS D 163 1.16 37.51 -21.51
N HIS D 164 1.85 38.52 -20.99
CA HIS D 164 2.93 39.25 -21.71
C HIS D 164 4.22 39.31 -20.88
N MET D 165 4.15 39.57 -19.58
CA MET D 165 5.40 39.95 -18.86
C MET D 165 5.43 39.46 -17.41
N GLU D 166 6.62 39.25 -16.88
CA GLU D 166 6.81 39.08 -15.43
C GLU D 166 7.58 40.30 -14.92
N LEU D 167 7.14 40.89 -13.81
CA LEU D 167 7.88 42.06 -13.25
C LEU D 167 8.99 41.53 -12.34
N PRO D 168 10.00 42.36 -11.99
CA PRO D 168 11.10 41.87 -11.19
C PRO D 168 10.59 41.42 -9.81
N THR D 169 9.36 41.77 -9.43
CA THR D 169 8.75 41.34 -8.14
C THR D 169 8.26 39.90 -8.28
N GLY D 170 8.19 39.33 -9.48
CA GLY D 170 7.72 37.95 -9.72
C GLY D 170 6.26 37.91 -10.10
N VAL D 171 5.52 38.98 -9.85
CA VAL D 171 4.12 39.05 -10.31
C VAL D 171 4.11 39.31 -11.83
N HIS D 172 2.97 39.06 -12.49
CA HIS D 172 2.84 38.95 -13.97
C HIS D 172 1.82 39.94 -14.51
N ALA D 173 1.84 40.20 -15.81
CA ALA D 173 0.96 41.23 -16.41
C ALA D 173 0.67 40.85 -17.85
N GLY D 174 -0.51 41.20 -18.32
CA GLY D 174 -0.86 40.96 -19.73
C GLY D 174 -1.95 41.89 -20.25
N THR D 175 -2.64 41.43 -21.28
CA THR D 175 -3.60 42.28 -22.02
C THR D 175 -4.94 41.58 -22.07
N ASP D 176 -5.94 42.36 -22.48
CA ASP D 176 -7.24 41.83 -22.97
C ASP D 176 -6.95 41.29 -24.36
N LEU D 177 -7.93 40.65 -25.00
CA LEU D 177 -7.61 40.03 -26.30
C LEU D 177 -7.82 41.02 -27.44
N GLU D 178 -7.79 42.34 -27.13
CA GLU D 178 -7.62 43.41 -28.15
C GLU D 178 -6.34 44.19 -27.88
N GLY D 179 -5.53 43.75 -26.94
CA GLY D 179 -4.12 44.18 -26.86
C GLY D 179 -3.90 45.29 -25.87
N ASN D 180 -4.89 45.61 -25.05
CA ASN D 180 -4.80 46.74 -24.10
C ASN D 180 -4.30 46.22 -22.75
N PHE D 181 -3.11 46.65 -22.37
CA PHE D 181 -2.46 46.17 -21.13
C PHE D 181 -3.38 46.46 -19.96
N TYR D 182 -3.34 45.59 -18.96
CA TYR D 182 -3.96 45.90 -17.65
C TYR D 182 -2.92 46.69 -16.88
N GLY D 183 -3.07 48.00 -16.98
CA GLY D 183 -2.43 48.98 -16.10
C GLY D 183 -1.07 49.37 -16.67
N PRO D 184 -0.16 49.84 -15.80
CA PRO D 184 0.86 50.80 -16.19
C PRO D 184 2.15 50.19 -16.72
N PHE D 185 2.02 49.11 -17.50
CA PHE D 185 3.18 48.31 -17.98
C PHE D 185 3.19 48.40 -19.50
N VAL D 186 4.34 48.13 -20.12
CA VAL D 186 4.53 48.26 -21.60
C VAL D 186 5.18 47.00 -22.18
N ASP D 187 5.10 46.91 -23.50
CA ASP D 187 5.60 45.80 -24.36
C ASP D 187 7.11 45.94 -24.57
N ARG D 188 7.88 46.03 -23.48
CA ARG D 188 9.30 46.44 -23.52
C ARG D 188 10.02 45.82 -22.33
N GLN D 189 11.22 45.33 -22.54
CA GLN D 189 11.91 44.45 -21.55
C GLN D 189 12.79 45.34 -20.67
N THR D 190 12.12 45.96 -19.70
CA THR D 190 12.74 46.79 -18.64
C THR D 190 12.20 46.28 -17.31
N ALA D 191 12.68 46.86 -16.21
CA ALA D 191 12.07 46.74 -14.87
C ALA D 191 10.96 47.77 -14.76
N GLN D 192 9.80 47.30 -14.32
CA GLN D 192 8.62 48.16 -14.09
C GLN D 192 8.07 47.82 -12.70
N ALA D 193 7.50 48.84 -12.04
CA ALA D 193 6.89 48.73 -10.69
C ALA D 193 5.36 48.80 -10.82
N ALA D 194 4.64 48.19 -9.87
CA ALA D 194 3.20 47.90 -10.04
C ALA D 194 2.35 49.03 -9.43
N GLY D 195 2.81 49.59 -8.32
CA GLY D 195 1.97 50.49 -7.50
C GLY D 195 1.26 49.69 -6.42
N THR D 196 0.93 50.35 -5.31
CA THR D 196 0.51 49.71 -4.04
C THR D 196 -0.50 48.59 -4.34
N ASP D 197 -0.43 47.45 -3.66
CA ASP D 197 -1.54 46.45 -3.74
C ASP D 197 -2.46 46.62 -2.54
N THR D 198 -3.77 46.49 -2.78
CA THR D 198 -4.82 46.45 -1.72
C THR D 198 -5.49 45.07 -1.74
N THR D 199 -5.83 44.53 -0.59
CA THR D 199 -6.58 43.26 -0.48
C THR D 199 -8.00 43.46 -1.03
N ILE D 200 -8.59 42.50 -1.76
CA ILE D 200 -9.94 42.65 -2.37
C ILE D 200 -11.01 42.40 -1.30
N THR D 201 -11.61 43.47 -0.80
CA THR D 201 -12.55 43.48 0.35
C THR D 201 -13.67 42.45 0.19
N VAL D 202 -14.40 42.50 -0.95
CA VAL D 202 -15.63 41.73 -1.24
C VAL D 202 -15.26 40.26 -1.26
N ASN D 203 -14.18 39.89 -1.95
CA ASN D 203 -13.78 38.46 -2.07
C ASN D 203 -13.51 37.90 -0.68
N VAL D 204 -13.06 38.73 0.26
CA VAL D 204 -12.67 38.30 1.63
C VAL D 204 -13.94 38.02 2.42
N LEU D 205 -15.00 38.68 2.05
CA LEU D 205 -16.31 38.42 2.71
C LEU D 205 -16.86 37.10 2.19
N ALA D 206 -16.67 36.87 0.89
CA ALA D 206 -17.22 35.73 0.14
C ALA D 206 -16.47 34.48 0.56
N TRP D 207 -15.18 34.58 0.79
CA TRP D 207 -14.38 33.47 1.36
C TRP D 207 -14.88 33.12 2.77
N LEU D 208 -15.30 34.10 3.55
CA LEU D 208 -15.88 33.89 4.90
C LEU D 208 -17.23 33.21 4.81
N TYR D 209 -18.05 33.61 3.85
CA TYR D 209 -19.37 32.96 3.61
C TYR D 209 -19.19 31.52 3.21
N ALA D 210 -18.14 31.24 2.45
CA ALA D 210 -17.76 29.87 2.03
C ALA D 210 -17.37 29.06 3.25
N ALA D 211 -16.62 29.68 4.17
CA ALA D 211 -16.19 28.99 5.39
C ALA D 211 -17.46 28.62 6.16
N VAL D 212 -18.46 29.48 6.14
CA VAL D 212 -19.69 29.28 6.96
C VAL D 212 -20.40 28.07 6.38
N ILE D 213 -20.57 28.03 5.06
CA ILE D 213 -21.35 26.95 4.40
C ILE D 213 -20.70 25.61 4.70
N ASN D 214 -19.42 25.59 5.05
CA ASN D 214 -18.66 24.33 5.31
C ASN D 214 -18.55 24.05 6.81
N GLY D 215 -19.11 24.92 7.65
CA GLY D 215 -19.38 24.65 9.07
C GLY D 215 -18.27 25.18 9.97
N ASP D 216 -17.63 26.27 9.54
CA ASP D 216 -16.62 27.00 10.37
C ASP D 216 -17.26 28.27 10.91
N ARG D 217 -17.45 28.37 12.23
CA ARG D 217 -18.29 29.40 12.85
C ARG D 217 -17.59 30.03 14.05
N TRP D 218 -16.28 29.86 14.19
CA TRP D 218 -15.56 30.34 15.38
C TRP D 218 -15.48 31.87 15.38
N PHE D 219 -15.33 32.44 14.19
CA PHE D 219 -15.14 33.92 13.93
C PHE D 219 -16.51 34.61 13.84
N LEU D 220 -17.60 33.87 13.84
CA LEU D 220 -18.97 34.47 13.96
C LEU D 220 -19.09 35.15 15.32
N ASN D 221 -19.65 36.36 15.32
CA ASN D 221 -19.88 37.12 16.57
C ASN D 221 -21.35 37.55 16.62
N ARG D 222 -21.73 38.29 17.67
CA ARG D 222 -23.14 38.65 17.99
C ARG D 222 -23.33 40.17 17.76
N PHE D 223 -22.36 40.83 17.15
CA PHE D 223 -22.41 42.29 16.86
C PHE D 223 -22.52 42.45 15.34
N THR D 224 -22.94 43.63 14.93
CA THR D 224 -23.02 44.04 13.50
C THR D 224 -22.29 45.39 13.35
N THR D 225 -22.41 46.08 12.21
CA THR D 225 -21.78 47.41 12.00
C THR D 225 -22.47 48.17 10.90
N THR D 226 -22.01 49.37 10.66
CA THR D 226 -22.46 50.14 9.49
C THR D 226 -21.49 49.83 8.37
N LEU D 227 -21.95 50.07 7.15
CA LEU D 227 -21.06 50.10 5.98
C LEU D 227 -19.97 51.13 6.32
N ASN D 228 -20.36 52.28 6.90
CA ASN D 228 -19.43 53.43 7.03
C ASN D 228 -18.51 53.15 8.22
N ASP D 229 -18.94 52.33 9.17
CA ASP D 229 -18.06 51.96 10.31
C ASP D 229 -17.00 51.02 9.74
N PHE D 230 -17.44 50.04 8.95
CA PHE D 230 -16.51 49.05 8.35
C PHE D 230 -15.48 49.75 7.44
N ASN D 231 -15.92 50.66 6.58
CA ASN D 231 -15.04 51.32 5.58
C ASN D 231 -13.87 52.08 6.24
N LEU D 232 -14.11 52.75 7.35
CA LEU D 232 -13.06 53.41 8.18
C LEU D 232 -11.97 52.38 8.50
N VAL D 233 -12.33 51.23 9.06
CA VAL D 233 -11.30 50.24 9.49
C VAL D 233 -10.68 49.58 8.26
N ALA D 234 -11.48 49.24 7.23
CA ALA D 234 -10.93 48.68 5.97
C ALA D 234 -10.01 49.73 5.33
N MET D 235 -10.36 51.02 5.36
CA MET D 235 -9.46 52.06 4.77
C MET D 235 -8.12 52.00 5.50
N LYS D 236 -8.17 51.82 6.82
CA LYS D 236 -6.98 51.74 7.69
C LYS D 236 -6.13 50.54 7.29
N TYR D 237 -6.73 49.42 6.87
CA TYR D 237 -6.02 48.11 6.74
C TYR D 237 -5.63 47.84 5.31
N ASN D 238 -5.62 48.88 4.46
CA ASN D 238 -5.15 48.78 3.05
C ASN D 238 -5.99 47.72 2.35
N TYR D 239 -7.24 47.68 2.76
CA TYR D 239 -8.36 46.90 2.19
C TYR D 239 -9.19 47.89 1.35
N GLU D 240 -9.56 47.50 0.15
CA GLU D 240 -10.30 48.35 -0.82
C GLU D 240 -11.64 48.72 -0.19
N PRO D 241 -12.30 49.82 -0.63
CA PRO D 241 -13.70 50.08 -0.30
C PRO D 241 -14.76 49.10 -0.82
N LEU D 242 -15.79 48.86 0.01
CA LEU D 242 -16.95 47.98 -0.31
C LEU D 242 -18.17 48.83 -0.61
N THR D 243 -18.88 48.54 -1.69
CA THR D 243 -19.93 49.44 -2.17
C THR D 243 -21.27 48.75 -1.99
N GLN D 244 -22.34 49.53 -1.95
CA GLN D 244 -23.69 48.95 -1.89
C GLN D 244 -23.79 47.84 -2.95
N ASP D 245 -23.25 48.04 -4.16
CA ASP D 245 -23.41 47.00 -5.21
C ASP D 245 -22.80 45.70 -4.69
N HIS D 246 -21.65 45.80 -4.03
CA HIS D 246 -20.97 44.64 -3.44
C HIS D 246 -21.94 43.94 -2.49
N VAL D 247 -22.46 44.69 -1.55
CA VAL D 247 -23.34 44.17 -0.46
C VAL D 247 -24.56 43.51 -1.10
N ASP D 248 -25.08 44.08 -2.20
CA ASP D 248 -26.16 43.43 -2.99
C ASP D 248 -25.66 42.14 -3.62
N ILE D 249 -24.42 42.11 -4.10
CA ILE D 249 -23.82 40.92 -4.80
C ILE D 249 -23.72 39.75 -3.81
N LEU D 250 -23.31 40.05 -2.59
CA LEU D 250 -23.11 39.05 -1.53
C LEU D 250 -24.47 38.58 -0.96
N GLY D 251 -25.58 39.17 -1.42
CA GLY D 251 -26.94 38.83 -0.95
C GLY D 251 -27.23 37.32 -0.94
N PRO D 252 -27.24 36.65 -2.11
CA PRO D 252 -27.39 35.19 -2.18
C PRO D 252 -26.51 34.41 -1.19
N LEU D 253 -25.30 34.88 -0.90
CA LEU D 253 -24.45 34.21 0.12
C LEU D 253 -25.02 34.47 1.53
N SER D 254 -25.62 35.63 1.75
CA SER D 254 -26.32 35.96 3.01
C SER D 254 -27.56 35.08 3.11
N ALA D 255 -28.31 35.05 2.01
CA ALA D 255 -29.59 34.32 1.85
C ALA D 255 -29.38 32.82 2.05
N GLN D 256 -28.24 32.27 1.64
CA GLN D 256 -28.01 30.83 1.81
C GLN D 256 -27.63 30.61 3.27
N THR D 257 -26.68 31.40 3.76
CA THR D 257 -26.02 31.13 5.06
C THR D 257 -26.87 31.63 6.23
N GLY D 258 -27.64 32.69 6.01
CA GLY D 258 -28.44 33.34 7.07
C GLY D 258 -27.55 34.31 7.84
N ILE D 259 -26.49 34.78 7.21
CA ILE D 259 -25.58 35.79 7.82
C ILE D 259 -25.74 37.09 7.04
N ALA D 260 -26.26 38.13 7.70
CA ALA D 260 -26.42 39.50 7.16
C ALA D 260 -25.04 40.03 6.77
N VAL D 261 -24.96 40.75 5.66
CA VAL D 261 -23.65 41.09 5.08
C VAL D 261 -22.82 41.75 6.18
N LEU D 262 -23.48 42.62 6.96
CA LEU D 262 -22.77 43.55 7.89
C LEU D 262 -22.41 42.79 9.16
N ASP D 263 -23.09 41.69 9.46
CA ASP D 263 -22.58 40.72 10.48
C ASP D 263 -21.21 40.18 10.03
N MET D 264 -21.02 39.81 8.76
CA MET D 264 -19.72 39.24 8.30
C MET D 264 -18.67 40.35 8.31
N CYS D 265 -19.02 41.56 7.84
CA CYS D 265 -18.14 42.74 7.98
C CYS D 265 -17.61 42.83 9.43
N ALA D 266 -18.44 42.55 10.45
CA ALA D 266 -18.07 42.76 11.87
C ALA D 266 -17.14 41.65 12.29
N SER D 267 -17.46 40.42 11.91
CA SER D 267 -16.52 39.30 12.12
C SER D 267 -15.22 39.60 11.33
N LEU D 268 -15.26 40.44 10.29
CA LEU D 268 -14.07 40.77 9.47
C LEU D 268 -13.25 41.90 10.11
N LYS D 269 -13.92 42.91 10.61
CA LYS D 269 -13.29 43.88 11.51
C LYS D 269 -12.48 43.11 12.57
N GLU D 270 -13.12 42.24 13.34
CA GLU D 270 -12.46 41.68 14.55
C GLU D 270 -11.24 40.87 14.12
N LEU D 271 -11.30 40.23 12.94
CA LEU D 271 -10.19 39.39 12.41
C LEU D 271 -9.02 40.30 12.01
N LEU D 272 -9.33 41.45 11.41
CA LEU D 272 -8.32 42.44 11.01
C LEU D 272 -7.70 43.05 12.26
N GLN D 273 -8.52 43.43 13.23
CA GLN D 273 -8.03 44.22 14.40
C GLN D 273 -7.42 43.31 15.46
N ASN D 274 -7.76 42.02 15.48
CA ASN D 274 -7.37 41.15 16.61
C ASN D 274 -6.55 39.97 16.10
N GLY D 275 -6.39 39.82 14.77
CA GLY D 275 -5.60 38.74 14.15
C GLY D 275 -6.37 37.44 14.14
N MET D 276 -5.76 36.36 13.64
CA MET D 276 -6.46 35.06 13.39
C MET D 276 -6.37 34.15 14.63
N ASN D 277 -5.54 34.50 15.61
CA ASN D 277 -5.47 33.84 16.94
C ASN D 277 -4.67 32.55 16.88
N GLY D 278 -3.99 32.29 15.75
CA GLY D 278 -3.30 31.03 15.48
C GLY D 278 -4.30 29.93 15.16
N ARG D 279 -5.49 30.32 14.69
CA ARG D 279 -6.50 29.43 14.03
C ARG D 279 -6.40 29.54 12.50
N THR D 280 -7.01 28.58 11.82
CA THR D 280 -7.06 28.49 10.34
C THR D 280 -8.52 28.54 9.90
N ILE D 281 -8.74 29.06 8.70
CA ILE D 281 -10.08 29.11 8.08
C ILE D 281 -9.92 28.55 6.67
N LEU D 282 -10.62 27.46 6.36
CA LEU D 282 -10.68 26.80 5.04
C LEU D 282 -9.27 26.47 4.59
N GLY D 283 -8.47 25.94 5.50
CA GLY D 283 -7.10 25.53 5.17
C GLY D 283 -6.15 26.69 4.98
N SER D 284 -6.39 27.84 5.60
CA SER D 284 -5.59 29.09 5.44
C SER D 284 -5.29 29.63 6.82
N ALA D 285 -4.07 30.11 7.11
CA ALA D 285 -3.81 30.97 8.28
C ALA D 285 -3.69 32.43 7.83
N LEU D 286 -3.80 32.74 6.55
CA LEU D 286 -4.15 34.13 6.18
C LEU D 286 -5.52 34.12 5.51
N LEU D 287 -6.02 35.32 5.28
CA LEU D 287 -7.36 35.51 4.71
C LEU D 287 -7.12 35.48 3.22
N GLU D 288 -8.06 34.98 2.41
CA GLU D 288 -7.93 34.87 0.92
C GLU D 288 -8.81 35.90 0.19
N ASP D 289 -8.30 36.50 -0.90
CA ASP D 289 -9.09 37.49 -1.69
C ASP D 289 -9.04 37.17 -3.18
N GLU D 290 -8.74 35.91 -3.55
CA GLU D 290 -8.68 35.45 -4.95
C GLU D 290 -9.93 34.62 -5.27
N PHE D 291 -10.96 34.74 -4.46
CA PHE D 291 -12.24 34.04 -4.67
C PHE D 291 -13.37 35.06 -4.75
N THR D 292 -13.90 35.30 -5.95
CA THR D 292 -15.10 36.16 -6.25
C THR D 292 -16.30 35.48 -5.61
N PRO D 293 -17.39 36.19 -5.21
CA PRO D 293 -18.58 35.54 -4.65
C PRO D 293 -19.17 34.50 -5.62
N PHE D 294 -19.13 34.84 -6.90
CA PHE D 294 -19.63 33.96 -7.98
C PHE D 294 -18.90 32.62 -7.91
N ASP D 295 -17.60 32.67 -7.61
CA ASP D 295 -16.74 31.47 -7.48
C ASP D 295 -17.19 30.60 -6.31
N VAL D 296 -17.60 31.26 -5.22
CA VAL D 296 -18.07 30.58 -3.97
C VAL D 296 -19.38 29.88 -4.29
N VAL D 297 -20.27 30.53 -5.02
CA VAL D 297 -21.57 29.91 -5.38
C VAL D 297 -21.30 28.78 -6.35
N ARG D 298 -20.66 29.07 -7.48
CA ARG D 298 -20.46 28.05 -8.56
C ARG D 298 -19.80 26.81 -7.96
N GLN D 299 -18.75 26.94 -7.14
CA GLN D 299 -18.04 25.76 -6.58
C GLN D 299 -19.01 24.96 -5.72
N CYS D 300 -19.85 25.65 -4.94
CA CYS D 300 -20.77 25.01 -3.94
C CYS D 300 -22.09 24.55 -4.59
N SER D 301 -22.36 24.86 -5.87
CA SER D 301 -23.69 24.71 -6.50
C SER D 301 -23.66 23.87 -7.78
N GLY D 302 -22.60 23.11 -8.03
CA GLY D 302 -22.49 22.22 -9.20
C GLY D 302 -21.96 22.96 -10.40
N VAL D 303 -22.83 23.62 -11.16
CA VAL D 303 -22.50 24.38 -12.42
C VAL D 303 -21.54 23.53 -13.27
N LEU E 3 -22.23 9.31 1.28
CA LEU E 3 -22.42 8.77 -0.06
C LEU E 3 -23.38 9.69 -0.84
N GLN E 4 -23.09 9.95 -2.11
CA GLN E 4 -23.57 11.15 -2.85
C GLN E 4 -24.63 10.81 -3.91
N TYR E 5 -25.66 11.67 -3.94
CA TYR E 5 -27.03 11.50 -4.51
C TYR E 5 -27.74 10.36 -3.78
N ALA E 6 -28.55 10.76 -2.79
CA ALA E 6 -28.59 12.15 -2.38
C ALA E 6 -28.55 12.23 -0.86
N VAL E 7 -27.37 12.48 -0.30
CA VAL E 7 -27.22 12.85 1.14
C VAL E 7 -26.61 14.24 1.25
N GLU E 14 -27.67 20.53 2.00
CA GLU E 14 -26.86 19.37 1.50
C GLU E 14 -26.09 18.80 2.70
N LEU F 3 27.34 -35.28 5.94
CA LEU F 3 27.40 -34.86 7.35
C LEU F 3 27.74 -33.37 7.51
N GLN F 4 27.03 -32.66 8.39
CA GLN F 4 26.99 -31.17 8.39
C GLN F 4 28.01 -30.62 9.42
N TYR F 5 29.27 -30.82 9.04
CA TYR F 5 30.54 -30.15 9.44
C TYR F 5 31.70 -31.16 9.24
N ALA F 6 32.69 -30.77 8.42
CA ALA F 6 32.79 -29.42 7.87
C ALA F 6 33.05 -29.42 6.36
N VAL F 7 32.00 -29.47 5.58
N VAL F 7 32.01 -29.73 5.59
CA VAL F 7 32.15 -29.61 4.10
CA VAL F 7 32.06 -29.94 4.12
C VAL F 7 31.38 -28.50 3.35
C VAL F 7 31.07 -28.98 3.44
N ARG F 12 31.59 -26.14 5.56
CA ARG F 12 31.83 -24.77 5.02
C ARG F 12 31.14 -24.64 3.66
N ARG F 13 31.80 -25.09 2.60
CA ARG F 13 31.37 -24.98 1.20
C ARG F 13 30.22 -25.96 0.93
N GLU F 14 28.99 -25.44 0.87
CA GLU F 14 27.72 -26.20 0.95
C GLU F 14 27.71 -27.39 -0.02
N LEU G 3 -16.38 -14.45 12.91
N LEU G 3 -16.37 -14.44 12.91
CA LEU G 3 -15.52 -13.59 13.70
CA LEU G 3 -15.50 -13.57 13.68
C LEU G 3 -14.87 -14.45 14.79
C LEU G 3 -14.87 -14.44 14.77
N GLN G 4 -13.54 -14.54 14.80
CA GLN G 4 -12.86 -15.69 15.48
C GLN G 4 -12.60 -15.31 16.94
N TYR G 5 -13.69 -14.99 17.65
CA TYR G 5 -13.65 -14.53 19.06
C TYR G 5 -13.60 -15.78 19.94
N ALA G 6 -14.28 -15.78 21.08
CA ALA G 6 -14.42 -16.96 21.96
C ALA G 6 -15.32 -16.60 23.14
N VAL G 7 -15.79 -17.59 23.91
CA VAL G 7 -16.79 -17.40 25.02
C VAL G 7 -16.12 -17.71 26.39
N LEU G 8 -16.42 -18.83 27.08
CA LEU G 8 -15.92 -19.07 28.48
C LEU G 8 -16.30 -20.46 28.95
N ARG G 9 -17.50 -20.92 28.60
CA ARG G 9 -17.73 -22.33 28.22
C ARG G 9 -18.95 -22.42 27.31
N HIS G 10 -18.67 -22.25 26.03
CA HIS G 10 -19.29 -23.02 24.93
C HIS G 10 -18.43 -22.75 23.70
N LYS G 11 -19.01 -22.77 22.51
CA LYS G 11 -18.30 -22.65 21.21
C LYS G 11 -18.86 -21.52 20.35
N ARG G 12 -20.15 -21.19 20.48
CA ARG G 12 -20.85 -20.23 19.59
C ARG G 12 -20.57 -20.63 18.13
N GLU G 14 -18.22 -23.47 17.10
CA GLU G 14 -18.36 -23.11 15.66
C GLU G 14 -17.24 -23.76 14.84
N LEU H 3 9.83 39.94 -20.76
CA LEU H 3 8.89 39.39 -21.72
C LEU H 3 9.12 37.87 -21.79
N GLN H 4 8.07 37.03 -21.94
CA GLN H 4 8.23 35.59 -21.57
C GLN H 4 8.35 34.67 -22.83
N TYR H 5 8.95 35.17 -23.93
CA TYR H 5 10.00 34.46 -24.74
C TYR H 5 10.64 35.49 -25.69
N ALA H 6 11.96 35.72 -25.57
CA ALA H 6 12.74 35.39 -24.38
C ALA H 6 13.28 36.69 -23.77
N LYS H 11 17.14 26.10 -23.57
CA LYS H 11 17.88 27.39 -23.70
C LYS H 11 16.96 28.55 -23.30
N ARG H 12 16.51 28.59 -22.04
CA ARG H 12 15.51 29.58 -21.53
C ARG H 12 16.14 30.43 -20.41
N ARG H 13 16.46 29.81 -19.27
CA ARG H 13 17.01 30.48 -18.06
C ARG H 13 15.89 31.31 -17.43
N GLU H 14 15.35 30.76 -16.35
CA GLU H 14 13.92 30.87 -16.02
C GLU H 14 13.75 31.97 -14.99
#